data_9HQ1
#
_entry.id   9HQ1
#
_cell.length_a   45.437
_cell.length_b   108.718
_cell.length_c   93.833
_cell.angle_alpha   90.000
_cell.angle_beta   96.657
_cell.angle_gamma   90.000
#
_symmetry.space_group_name_H-M   'P 1 21 1'
#
loop_
_entity.id
_entity.type
_entity.pdbx_description
1 polymer 'DUF4374 domain-containing protein'
2 non-polymer 'Salmochelin S4'
3 non-polymer 'FE (III) ION'
4 non-polymer 'CALCIUM ION'
5 non-polymer 'CHLORIDE ION'
6 water water
#
_entity_poly.entity_id   1
_entity_poly.type   'polypeptide(L)'
_entity_poly.pdbx_seq_one_letter_code
;MKKNFLMWSFAMALLTGTLCTSCDETEGAVAPEETQSVQKGIAITYLHVTDQIMKNRDVIRGENFLGNGEYVTFAGILEA
NNKIYTAPIPMGLSVYGSAFEDGKWVKYPELVKTEDGGSNSSSYEKGELQWTQYPNEAWVAIYNDENFNNPTLIRTDKIS
YACGRMRSQYYQTIWAADNGDVYVFSPSYAKIMDADVQKTNLPAGVVRIKAGATDFDSYYCNLEELSGGKSFLRCWHITG
DYFLLQMYTGEINSRGTGATRMAVFKATGNGDKGELYYVDGLPEPDRISSFSGTPFCENGVAYVGVIPITADGETNHPAI
YKIDPVTHTATKGLTVNATGITAIGRLAKDSHSTYVVSATVTSANSTANYLLATSTLESGSVTPGNNNGFETATGTAWIF
YKDQYLYRLQYNQGNEGVTTAYELNTNGGIAKRSNEYTITRFTTYGIFGENIISSSAVDATFTDLEHHHHHH
;
_entity_poly.pdbx_strand_id   A,B
#
# COMPACT_ATOMS: atom_id res chain seq x y z
N GLU A 34 -21.09 5.47 8.71
CA GLU A 34 -19.93 6.04 8.03
C GLU A 34 -18.98 4.93 7.60
N THR A 35 -18.79 4.79 6.29
CA THR A 35 -18.11 3.63 5.72
C THR A 35 -16.76 4.04 5.14
N GLN A 36 -15.69 3.43 5.63
CA GLN A 36 -14.34 3.68 5.15
C GLN A 36 -13.94 2.63 4.12
N SER A 37 -13.22 3.09 3.08
CA SER A 37 -12.75 2.23 2.02
C SER A 37 -11.53 2.89 1.40
N VAL A 38 -10.76 2.10 0.67
CA VAL A 38 -9.56 2.61 0.01
C VAL A 38 -9.98 3.30 -1.27
N GLN A 39 -9.52 4.54 -1.44
CA GLN A 39 -9.86 5.34 -2.59
C GLN A 39 -8.60 6.09 -3.03
N LYS A 40 -8.69 6.74 -4.18
CA LYS A 40 -7.57 7.51 -4.67
C LYS A 40 -7.60 8.90 -4.05
N GLY A 41 -6.43 9.36 -3.61
CA GLY A 41 -6.29 10.68 -3.04
C GLY A 41 -5.11 11.41 -3.67
N ILE A 42 -4.98 12.68 -3.29
CA ILE A 42 -3.85 13.50 -3.74
C ILE A 42 -3.04 13.86 -2.51
N ALA A 43 -1.79 13.40 -2.47
CA ALA A 43 -0.90 13.65 -1.35
C ALA A 43 -0.10 14.91 -1.61
N ILE A 44 0.12 15.70 -0.56
CA ILE A 44 0.86 16.95 -0.63
C ILE A 44 1.91 16.95 0.46
N THR A 45 3.17 17.19 0.09
CA THR A 45 4.27 17.29 1.04
C THR A 45 4.86 18.70 0.94
N TYR A 46 5.06 19.35 2.09
CA TYR A 46 5.70 20.65 2.17
C TYR A 46 7.10 20.51 2.75
N LEU A 47 8.08 21.12 2.10
CA LEU A 47 9.41 21.34 2.66
C LEU A 47 9.53 22.84 2.87
N HIS A 48 9.42 23.28 4.12
CA HIS A 48 9.53 24.70 4.40
C HIS A 48 11.02 25.07 4.48
N VAL A 49 11.43 26.02 3.64
CA VAL A 49 12.85 26.25 3.41
C VAL A 49 13.44 27.10 4.53
N THR A 50 12.64 27.96 5.14
CA THR A 50 13.13 28.82 6.22
C THR A 50 13.12 28.07 7.55
N ASP A 51 11.95 27.55 7.93
CA ASP A 51 11.83 26.81 9.18
C ASP A 51 12.54 25.47 9.16
N GLN A 52 12.91 24.98 7.97
CA GLN A 52 13.48 23.65 7.78
C GLN A 52 12.62 22.57 8.47
N ILE A 53 11.39 22.45 7.98
CA ILE A 53 10.40 21.52 8.52
C ILE A 53 9.65 20.87 7.37
N MET A 54 9.39 19.57 7.48
CA MET A 54 8.60 18.83 6.51
C MET A 54 7.23 18.52 7.10
N LYS A 55 6.17 18.77 6.33
CA LYS A 55 4.80 18.48 6.72
C LYS A 55 4.11 17.73 5.61
N ASN A 56 3.17 16.85 5.99
CA ASN A 56 2.20 16.27 5.06
C ASN A 56 0.86 16.96 5.27
N ARG A 57 0.25 17.40 4.18
CA ARG A 57 -1.15 17.78 4.25
C ARG A 57 -2.00 16.53 4.48
N ASP A 58 -3.16 16.71 5.10
CA ASP A 58 -4.21 15.70 4.97
C ASP A 58 -4.39 15.36 3.50
N VAL A 59 -4.53 14.06 3.20
CA VAL A 59 -4.70 13.65 1.80
C VAL A 59 -5.99 14.22 1.24
N ILE A 60 -5.91 14.82 0.06
CA ILE A 60 -7.07 15.36 -0.64
C ILE A 60 -7.79 14.22 -1.37
N ARG A 61 -9.12 14.20 -1.31
CA ARG A 61 -9.87 13.18 -2.05
C ARG A 61 -9.71 13.38 -3.55
N GLY A 62 -9.20 12.36 -4.26
CA GLY A 62 -9.00 12.43 -5.69
C GLY A 62 -10.15 11.88 -6.51
N GLU A 63 -10.93 10.98 -5.92
CA GLU A 63 -12.08 10.41 -6.61
C GLU A 63 -13.05 11.51 -7.04
N ASN A 64 -13.45 11.48 -8.32
CA ASN A 64 -14.42 12.42 -8.87
C ASN A 64 -13.95 13.88 -8.74
N PHE A 65 -12.64 14.09 -8.78
CA PHE A 65 -12.09 15.45 -8.66
C PHE A 65 -12.66 16.39 -9.72
N LEU A 66 -12.94 15.87 -10.92
CA LEU A 66 -13.38 16.71 -12.03
C LEU A 66 -14.86 16.54 -12.36
N GLY A 67 -15.60 15.79 -11.55
CA GLY A 67 -17.03 15.66 -11.76
C GLY A 67 -17.44 14.52 -12.64
N ASN A 68 -16.51 13.70 -13.11
CA ASN A 68 -16.80 12.60 -14.01
C ASN A 68 -16.36 11.26 -13.44
N GLY A 69 -16.09 11.21 -12.13
CA GLY A 69 -15.70 9.99 -11.47
C GLY A 69 -14.23 9.68 -11.45
N GLU A 70 -13.47 10.16 -12.44
CA GLU A 70 -12.05 9.83 -12.52
C GLU A 70 -11.28 10.50 -11.39
N TYR A 71 -10.11 9.93 -11.06
CA TYR A 71 -9.15 10.54 -10.14
C TYR A 71 -8.02 11.20 -10.94
N VAL A 72 -7.20 11.99 -10.23
CA VAL A 72 -6.26 12.89 -10.90
C VAL A 72 -4.88 12.79 -10.26
N THR A 73 -3.88 13.18 -11.05
CA THR A 73 -2.52 13.46 -10.62
C THR A 73 -2.24 14.93 -10.90
N PHE A 74 -1.73 15.65 -9.91
CA PHE A 74 -1.31 17.02 -10.17
C PHE A 74 -0.06 17.02 -11.06
N ALA A 75 -0.02 17.96 -12.02
CA ALA A 75 1.17 18.22 -12.82
C ALA A 75 1.57 19.68 -12.62
N GLY A 76 2.67 19.87 -11.92
CA GLY A 76 3.25 21.18 -11.69
C GLY A 76 2.62 21.87 -10.50
N ILE A 77 3.42 22.72 -9.86
CA ILE A 77 2.97 23.61 -8.81
C ILE A 77 3.52 24.98 -9.20
N LEU A 78 2.69 25.82 -9.82
CA LEU A 78 3.11 27.09 -10.39
C LEU A 78 2.65 28.25 -9.50
N GLU A 79 3.62 29.06 -9.06
CA GLU A 79 3.31 30.28 -8.32
C GLU A 79 3.18 31.46 -9.27
N ALA A 80 2.01 32.09 -9.29
CA ALA A 80 1.80 33.29 -10.08
C ALA A 80 0.62 34.05 -9.50
N ASN A 81 0.69 35.38 -9.52
CA ASN A 81 -0.42 36.20 -9.04
C ASN A 81 -0.81 35.85 -7.60
N ASN A 82 0.17 35.40 -6.81
CA ASN A 82 -0.03 35.05 -5.40
C ASN A 82 -0.97 33.84 -5.26
N LYS A 83 -1.01 32.99 -6.28
CA LYS A 83 -1.86 31.79 -6.27
C LYS A 83 -1.05 30.60 -6.76
N ILE A 84 -1.60 29.40 -6.51
CA ILE A 84 -1.05 28.15 -7.04
C ILE A 84 -1.91 27.70 -8.20
N TYR A 85 -1.28 27.40 -9.34
CA TYR A 85 -1.93 26.79 -10.49
C TYR A 85 -1.37 25.39 -10.68
N THR A 86 -2.24 24.43 -10.95
CA THR A 86 -1.79 23.08 -11.29
C THR A 86 -2.74 22.50 -12.32
N ALA A 87 -2.24 21.53 -13.09
CA ALA A 87 -3.08 20.80 -14.03
C ALA A 87 -3.49 19.49 -13.39
N PRO A 88 -4.77 19.29 -13.03
CA PRO A 88 -5.20 17.97 -12.55
C PRO A 88 -5.33 17.01 -13.73
N ILE A 89 -4.36 16.11 -13.88
CA ILE A 89 -4.30 15.22 -15.02
C ILE A 89 -5.18 14.00 -14.73
N PRO A 90 -6.19 13.74 -15.54
CA PRO A 90 -7.04 12.58 -15.30
C PRO A 90 -6.28 11.26 -15.46
N MET A 91 -6.60 10.31 -14.60
CA MET A 91 -5.93 9.02 -14.57
C MET A 91 -6.82 7.87 -15.03
N GLY A 92 -8.11 8.12 -15.28
CA GLY A 92 -9.06 7.06 -15.53
C GLY A 92 -9.80 6.75 -14.25
N LEU A 93 -10.32 5.53 -14.11
CA LEU A 93 -11.10 5.17 -12.93
C LEU A 93 -10.36 4.16 -12.08
N SER A 94 -10.38 4.38 -10.77
CA SER A 94 -9.84 3.40 -9.83
C SER A 94 -10.82 2.25 -9.70
N VAL A 95 -10.43 1.23 -8.94
CA VAL A 95 -11.35 0.13 -8.66
C VAL A 95 -12.60 0.65 -7.95
N TYR A 96 -12.42 1.53 -6.97
CA TYR A 96 -13.55 2.18 -6.33
C TYR A 96 -14.39 2.96 -7.35
N GLY A 97 -13.72 3.70 -8.25
CA GLY A 97 -14.43 4.53 -9.19
C GLY A 97 -15.23 3.76 -10.23
N SER A 98 -14.71 2.63 -10.67
CA SER A 98 -15.44 1.81 -11.65
C SER A 98 -16.65 1.13 -11.00
N ALA A 99 -16.52 0.76 -9.73
CA ALA A 99 -17.59 0.05 -9.02
C ALA A 99 -18.70 0.99 -8.57
N PHE A 100 -18.34 2.23 -8.24
CA PHE A 100 -19.24 3.25 -7.69
C PHE A 100 -20.59 3.28 -8.39
N GLU A 101 -21.64 3.02 -7.61
CA GLU A 101 -23.03 3.05 -8.05
C GLU A 101 -23.21 2.31 -9.37
N ASP A 102 -22.83 1.03 -9.33
CA ASP A 102 -22.95 0.06 -10.42
C ASP A 102 -22.48 0.63 -11.76
N GLY A 103 -21.22 1.06 -11.77
CA GLY A 103 -20.58 1.53 -12.99
C GLY A 103 -21.09 2.85 -13.51
N LYS A 104 -21.55 3.73 -12.61
CA LYS A 104 -22.06 5.04 -13.00
C LYS A 104 -21.05 5.81 -13.86
N TRP A 105 -19.78 5.72 -13.52
CA TRP A 105 -18.77 6.53 -14.17
C TRP A 105 -18.20 5.88 -15.42
N VAL A 106 -18.57 4.64 -15.72
CA VAL A 106 -17.94 3.88 -16.80
C VAL A 106 -18.61 4.26 -18.11
N LYS A 107 -17.90 5.01 -18.94
CA LYS A 107 -18.42 5.34 -20.26
C LYS A 107 -18.11 4.26 -21.28
N TYR A 108 -16.92 3.64 -21.18
CA TYR A 108 -16.45 2.63 -22.13
C TYR A 108 -16.16 1.35 -21.35
N PRO A 109 -17.20 0.55 -21.08
CA PRO A 109 -17.00 -0.64 -20.24
C PRO A 109 -16.05 -1.65 -20.82
N GLU A 110 -15.85 -1.64 -22.14
CA GLU A 110 -14.92 -2.54 -22.80
C GLU A 110 -13.47 -2.30 -22.38
N LEU A 111 -13.18 -1.16 -21.74
CA LEU A 111 -11.83 -0.81 -21.32
C LEU A 111 -11.54 -1.19 -19.88
N VAL A 112 -12.56 -1.48 -19.07
CA VAL A 112 -12.32 -1.90 -17.69
C VAL A 112 -11.47 -3.16 -17.68
N LYS A 113 -10.44 -3.15 -16.85
CA LYS A 113 -9.48 -4.25 -16.82
C LYS A 113 -10.14 -5.49 -16.20
N THR A 114 -9.93 -6.65 -16.84
CA THR A 114 -10.49 -7.91 -16.36
C THR A 114 -9.51 -8.71 -15.50
N GLU A 115 -8.26 -8.24 -15.38
CA GLU A 115 -7.25 -8.91 -14.58
C GLU A 115 -6.11 -7.93 -14.35
N ASP A 116 -5.31 -8.21 -13.33
CA ASP A 116 -4.11 -7.40 -13.09
C ASP A 116 -3.15 -7.53 -14.27
N GLY A 117 -2.35 -6.48 -14.49
CA GLY A 117 -1.38 -6.50 -15.56
C GLY A 117 -0.65 -5.18 -15.66
N GLY A 118 0.07 -5.00 -16.78
CA GLY A 118 0.86 -3.80 -16.96
C GLY A 118 2.26 -3.91 -16.39
N SER A 119 3.01 -2.81 -16.55
CA SER A 119 4.41 -2.75 -16.17
C SER A 119 4.73 -1.42 -15.49
N ASN A 120 5.59 -1.50 -14.48
CA ASN A 120 6.27 -0.34 -13.87
C ASN A 120 5.21 0.59 -13.26
N SER A 121 5.36 1.90 -13.39
CA SER A 121 4.34 2.76 -12.79
C SER A 121 3.00 2.66 -13.52
N SER A 122 2.96 2.00 -14.67
CA SER A 122 1.70 1.80 -15.40
C SER A 122 1.09 0.41 -15.14
N SER A 123 1.49 -0.26 -14.08
CA SER A 123 0.82 -1.48 -13.69
C SER A 123 -0.61 -1.17 -13.25
N TYR A 124 -1.54 -2.08 -13.55
CA TYR A 124 -2.95 -1.89 -13.23
C TYR A 124 -3.49 -3.14 -12.56
N GLU A 125 -4.66 -2.98 -11.93
CA GLU A 125 -5.35 -4.07 -11.26
C GLU A 125 -6.73 -4.27 -11.87
N LYS A 126 -7.25 -5.48 -11.68
CA LYS A 126 -8.60 -5.82 -12.13
C LYS A 126 -9.60 -4.79 -11.62
N GLY A 127 -10.48 -4.34 -12.52
CA GLY A 127 -11.48 -3.37 -12.17
C GLY A 127 -11.12 -1.92 -12.44
N GLU A 128 -9.84 -1.63 -12.67
CA GLU A 128 -9.43 -0.29 -13.08
C GLU A 128 -9.85 -0.02 -14.52
N LEU A 129 -10.09 1.27 -14.82
CA LEU A 129 -10.15 1.73 -16.21
C LEU A 129 -8.97 2.70 -16.36
N GLN A 130 -7.91 2.23 -17.01
CA GLN A 130 -6.65 2.94 -16.99
C GLN A 130 -6.67 4.06 -18.02
N TRP A 131 -6.18 5.23 -17.61
CA TRP A 131 -6.11 6.46 -18.40
C TRP A 131 -7.48 7.05 -18.65
N THR A 132 -7.54 8.34 -18.98
CA THR A 132 -8.83 9.05 -19.00
C THR A 132 -9.70 8.62 -20.17
N GLN A 133 -11.00 8.64 -19.92
CA GLN A 133 -12.04 8.45 -20.94
C GLN A 133 -12.39 9.75 -21.64
N TYR A 134 -11.76 10.87 -21.26
CA TYR A 134 -12.10 12.20 -21.77
C TYR A 134 -10.83 12.94 -22.19
N PRO A 135 -10.20 12.51 -23.29
CA PRO A 135 -8.89 13.07 -23.64
C PRO A 135 -8.95 14.42 -24.34
N ASN A 136 -10.12 14.90 -24.76
CA ASN A 136 -10.20 16.09 -25.58
C ASN A 136 -10.53 17.33 -24.77
N GLU A 137 -9.87 17.48 -23.63
CA GLU A 137 -10.07 18.64 -22.77
C GLU A 137 -8.87 18.77 -21.84
N ALA A 138 -8.78 19.93 -21.21
CA ALA A 138 -7.75 20.22 -20.21
C ALA A 138 -8.39 20.97 -19.06
N TRP A 139 -7.99 20.62 -17.84
CA TRP A 139 -8.41 21.32 -16.63
C TRP A 139 -7.23 22.02 -15.99
N VAL A 140 -7.55 23.07 -15.23
CA VAL A 140 -6.59 23.79 -14.39
C VAL A 140 -7.27 24.06 -13.06
N ALA A 141 -6.57 23.76 -11.95
CA ALA A 141 -7.04 24.14 -10.62
C ALA A 141 -6.24 25.33 -10.13
N ILE A 142 -6.94 26.35 -9.63
CA ILE A 142 -6.33 27.55 -9.05
C ILE A 142 -6.62 27.54 -7.56
N TYR A 143 -5.57 27.62 -6.74
CA TYR A 143 -5.70 27.60 -5.29
C TYR A 143 -5.22 28.93 -4.72
N ASN A 144 -5.94 29.44 -3.71
CA ASN A 144 -5.56 30.73 -3.13
C ASN A 144 -4.24 30.67 -2.38
N ASP A 145 -3.89 29.54 -1.77
CA ASP A 145 -2.61 29.46 -1.07
C ASP A 145 -2.20 27.99 -0.97
N GLU A 146 -1.15 27.73 -0.19
CA GLU A 146 -0.57 26.40 -0.09
C GLU A 146 -1.38 25.45 0.81
N ASN A 147 -2.49 25.90 1.40
CA ASN A 147 -3.34 24.95 2.12
C ASN A 147 -4.22 24.12 1.20
N PHE A 148 -4.27 24.44 -0.09
CA PHE A 148 -4.99 23.67 -1.10
C PHE A 148 -6.45 23.42 -0.72
N ASN A 149 -7.14 24.50 -0.37
CA ASN A 149 -8.57 24.45 -0.09
C ASN A 149 -9.34 25.15 -1.19
N ASN A 150 -10.51 24.60 -1.51
CA ASN A 150 -11.55 25.16 -2.38
C ASN A 150 -11.01 25.66 -3.71
N PRO A 151 -10.59 24.76 -4.59
CA PRO A 151 -9.97 25.20 -5.84
C PRO A 151 -11.00 25.77 -6.79
N THR A 152 -10.56 26.75 -7.59
CA THR A 152 -11.28 27.13 -8.79
C THR A 152 -10.89 26.17 -9.91
N LEU A 153 -11.85 25.40 -10.41
CA LEU A 153 -11.61 24.41 -11.46
C LEU A 153 -12.17 24.94 -12.77
N ILE A 154 -11.33 25.05 -13.78
CA ILE A 154 -11.77 25.52 -15.10
C ILE A 154 -11.31 24.53 -16.17
N ARG A 155 -12.08 24.50 -17.26
CA ARG A 155 -11.92 23.52 -18.33
C ARG A 155 -11.85 24.22 -19.67
N THR A 156 -11.06 23.67 -20.58
CA THR A 156 -11.04 24.08 -21.97
C THR A 156 -11.18 22.85 -22.86
N ASP A 157 -11.84 23.01 -24.02
CA ASP A 157 -11.94 21.93 -25.00
C ASP A 157 -11.02 22.15 -26.20
N LYS A 158 -10.08 23.08 -26.09
CA LYS A 158 -9.20 23.43 -27.21
C LYS A 158 -7.91 22.64 -27.22
N ILE A 159 -7.54 22.04 -26.08
CA ILE A 159 -6.30 21.28 -25.93
C ILE A 159 -6.58 20.08 -25.04
N SER A 160 -5.72 19.07 -25.16
CA SER A 160 -5.75 17.91 -24.26
C SER A 160 -5.04 18.27 -22.96
N TYR A 161 -4.87 17.30 -22.05
CA TYR A 161 -4.43 17.65 -20.69
C TYR A 161 -3.00 18.18 -20.69
N ALA A 162 -2.73 19.07 -19.74
CA ALA A 162 -1.54 19.91 -19.74
C ALA A 162 -0.45 19.30 -18.86
N CYS A 163 0.23 18.29 -19.39
CA CYS A 163 1.44 17.78 -18.78
C CYS A 163 2.31 17.12 -19.84
N GLY A 164 3.61 16.97 -19.53
CA GLY A 164 4.48 16.07 -20.23
C GLY A 164 4.62 14.78 -19.42
N ARG A 165 5.06 13.71 -20.08
CA ARG A 165 5.18 12.39 -19.44
C ARG A 165 6.54 11.79 -19.70
N MET A 166 7.18 11.29 -18.63
CA MET A 166 8.34 10.42 -18.78
C MET A 166 8.32 9.43 -17.61
N ARG A 167 8.22 8.15 -17.94
CA ARG A 167 8.06 7.08 -16.96
C ARG A 167 6.92 7.39 -15.99
N SER A 168 7.23 7.41 -14.69
CA SER A 168 6.23 7.70 -13.65
C SER A 168 5.94 9.19 -13.49
N GLN A 169 6.77 10.07 -14.03
CA GLN A 169 6.74 11.48 -13.68
C GLN A 169 5.85 12.28 -14.61
N TYR A 170 5.23 13.31 -14.03
CA TYR A 170 4.31 14.22 -14.71
C TYR A 170 4.95 15.59 -14.74
N TYR A 171 5.38 16.02 -15.94
CA TYR A 171 6.15 17.25 -16.12
C TYR A 171 5.25 18.47 -16.22
N GLN A 172 5.60 19.53 -15.50
CA GLN A 172 4.86 20.77 -15.57
C GLN A 172 4.90 21.37 -16.98
N THR A 173 3.72 21.74 -17.50
CA THR A 173 3.62 22.44 -18.78
C THR A 173 2.69 23.64 -18.68
N ILE A 174 2.47 24.16 -17.48
CA ILE A 174 1.79 25.44 -17.26
C ILE A 174 2.80 26.41 -16.65
N TRP A 175 2.88 27.62 -17.22
CA TRP A 175 3.92 28.59 -16.85
C TRP A 175 3.36 30.00 -16.98
N ALA A 176 3.93 30.92 -16.19
CA ALA A 176 3.52 32.31 -16.18
C ALA A 176 4.50 33.20 -16.95
N ALA A 177 3.98 34.03 -17.85
CA ALA A 177 4.76 35.14 -18.37
C ALA A 177 5.05 36.12 -17.24
N ASP A 178 5.97 37.06 -17.50
CA ASP A 178 6.37 38.00 -16.45
C ASP A 178 5.24 38.91 -16.02
N ASN A 179 4.24 39.12 -16.86
CA ASN A 179 3.09 39.94 -16.48
C ASN A 179 2.02 39.17 -15.71
N GLY A 180 2.22 37.90 -15.41
CA GLY A 180 1.27 37.13 -14.65
C GLY A 180 0.31 36.28 -15.46
N ASP A 181 0.19 36.54 -16.77
CA ASP A 181 -0.60 35.65 -17.63
C ASP A 181 -0.06 34.23 -17.53
N VAL A 182 -0.96 33.25 -17.40
CA VAL A 182 -0.59 31.84 -17.28
C VAL A 182 -0.88 31.15 -18.61
N TYR A 183 0.15 30.57 -19.22
CA TYR A 183 0.00 29.83 -20.46
C TYR A 183 -0.01 28.33 -20.18
N VAL A 184 -0.96 27.63 -20.79
CA VAL A 184 -1.28 26.26 -20.47
C VAL A 184 -1.01 25.47 -21.74
N PHE A 185 0.08 24.69 -21.75
CA PHE A 185 0.58 23.98 -22.91
C PHE A 185 0.18 22.52 -22.81
N SER A 186 -0.21 21.93 -23.93
CA SER A 186 -0.41 20.50 -23.96
C SER A 186 0.38 19.90 -25.12
N PRO A 187 1.18 18.87 -24.88
CA PRO A 187 1.81 18.16 -25.98
C PRO A 187 0.90 17.12 -26.62
N SER A 188 -0.35 17.00 -26.15
CA SER A 188 -1.26 15.94 -26.61
C SER A 188 -0.63 14.56 -26.51
N TYR A 189 -0.02 14.31 -25.35
CA TYR A 189 0.52 12.98 -25.06
C TYR A 189 -0.51 11.87 -25.27
N ALA A 190 -1.80 12.14 -25.01
CA ALA A 190 -2.81 11.11 -25.13
C ALA A 190 -2.99 10.61 -26.56
N LYS A 191 -2.38 11.26 -27.56
CA LYS A 191 -2.54 10.77 -28.91
C LYS A 191 -1.94 9.38 -29.10
N ILE A 192 -1.08 8.93 -28.18
CA ILE A 192 -0.42 7.63 -28.32
C ILE A 192 -1.14 6.52 -27.55
N MET A 193 -2.31 6.80 -26.99
CA MET A 193 -3.07 5.77 -26.28
C MET A 193 -3.47 4.66 -27.24
N ASP A 194 -3.64 3.46 -26.69
CA ASP A 194 -3.95 2.31 -27.53
C ASP A 194 -5.33 2.41 -28.15
N ALA A 195 -6.34 2.70 -27.32
CA ALA A 195 -7.73 2.69 -27.77
C ALA A 195 -8.12 4.05 -28.34
N ASP A 196 -8.79 4.03 -29.50
CA ASP A 196 -9.24 5.24 -30.17
C ASP A 196 -9.92 6.22 -29.23
N VAL A 197 -10.85 5.72 -28.41
CA VAL A 197 -11.63 6.63 -27.58
C VAL A 197 -10.79 7.27 -26.48
N GLN A 198 -9.60 6.74 -26.20
CA GLN A 198 -8.71 7.37 -25.24
C GLN A 198 -7.63 8.23 -25.88
N LYS A 199 -7.53 8.25 -27.20
CA LYS A 199 -6.61 9.16 -27.88
C LYS A 199 -7.24 10.53 -28.00
N THR A 200 -6.43 11.58 -27.85
CA THR A 200 -6.97 12.90 -28.20
C THR A 200 -6.85 13.12 -29.70
N ASN A 201 -7.84 13.82 -30.28
CA ASN A 201 -7.73 14.26 -31.66
C ASN A 201 -7.30 15.72 -31.78
N LEU A 202 -6.81 16.32 -30.70
CA LEU A 202 -6.42 17.72 -30.70
C LEU A 202 -4.92 17.85 -30.87
N PRO A 203 -4.44 18.76 -31.71
CA PRO A 203 -2.99 18.95 -31.84
C PRO A 203 -2.44 19.59 -30.57
N ALA A 204 -1.14 19.38 -30.36
CA ALA A 204 -0.43 20.13 -29.32
C ALA A 204 -0.75 21.60 -29.46
N GLY A 205 -1.00 22.26 -28.32
CA GLY A 205 -1.44 23.64 -28.38
C GLY A 205 -1.27 24.34 -27.03
N VAL A 206 -1.70 25.60 -27.00
CA VAL A 206 -1.55 26.48 -25.84
C VAL A 206 -2.80 27.32 -25.69
N VAL A 207 -3.24 27.50 -24.44
CA VAL A 207 -4.30 28.44 -24.09
C VAL A 207 -3.80 29.34 -22.95
N ARG A 208 -4.63 30.29 -22.54
CA ARG A 208 -4.17 31.35 -21.64
C ARG A 208 -5.19 31.70 -20.57
N ILE A 209 -4.70 31.97 -19.36
CA ILE A 209 -5.48 32.55 -18.28
C ILE A 209 -4.83 33.89 -17.97
N LYS A 210 -5.51 34.99 -18.29
CA LYS A 210 -4.96 36.31 -17.97
C LYS A 210 -4.71 36.44 -16.47
N ALA A 211 -3.70 37.21 -16.12
CA ALA A 211 -3.37 37.46 -14.71
C ALA A 211 -4.60 37.95 -13.96
N GLY A 212 -4.89 37.29 -12.84
CA GLY A 212 -6.04 37.69 -12.05
C GLY A 212 -7.38 37.27 -12.60
N ALA A 213 -7.42 36.65 -13.77
CA ALA A 213 -8.69 36.11 -14.25
C ALA A 213 -8.95 34.76 -13.60
N THR A 214 -10.19 34.30 -13.71
CA THR A 214 -10.57 33.00 -13.16
C THR A 214 -11.13 32.06 -14.23
N ASP A 215 -10.89 32.37 -15.50
CA ASP A 215 -11.29 31.48 -16.60
C ASP A 215 -10.35 31.73 -17.77
N PHE A 216 -10.31 30.79 -18.71
CA PHE A 216 -9.54 30.99 -19.93
C PHE A 216 -10.11 32.16 -20.73
N ASP A 217 -9.24 32.85 -21.45
CA ASP A 217 -9.71 33.88 -22.37
C ASP A 217 -9.87 33.26 -23.76
N SER A 218 -9.72 34.04 -24.82
CA SER A 218 -9.98 33.52 -26.15
C SER A 218 -8.71 33.07 -26.87
N TYR A 219 -7.54 33.16 -26.21
CA TYR A 219 -6.27 32.86 -26.86
C TYR A 219 -6.16 31.37 -27.19
N TYR A 220 -5.59 31.07 -28.35
CA TYR A 220 -5.27 29.69 -28.70
C TYR A 220 -4.19 29.67 -29.76
N CYS A 221 -3.21 28.79 -29.58
CA CYS A 221 -2.19 28.59 -30.59
C CYS A 221 -2.03 27.10 -30.83
N ASN A 222 -2.21 26.69 -32.09
CA ASN A 222 -1.92 25.34 -32.54
C ASN A 222 -0.41 25.25 -32.79
N LEU A 223 0.30 24.49 -31.94
CA LEU A 223 1.76 24.42 -32.08
C LEU A 223 2.20 23.53 -33.22
N GLU A 224 1.45 22.45 -33.50
CA GLU A 224 1.86 21.56 -34.58
C GLU A 224 1.86 22.27 -35.93
N GLU A 225 0.92 23.19 -36.14
CA GLU A 225 0.94 23.98 -37.37
C GLU A 225 2.21 24.80 -37.53
N LEU A 226 2.80 25.25 -36.42
CA LEU A 226 4.01 26.06 -36.48
C LEU A 226 5.29 25.26 -36.40
N SER A 227 5.22 24.01 -35.97
CA SER A 227 6.42 23.24 -35.64
C SER A 227 6.80 22.24 -36.71
N GLY A 228 6.02 22.12 -37.78
CA GLY A 228 6.22 21.03 -38.71
C GLY A 228 5.58 19.73 -38.27
N GLY A 229 4.49 19.81 -37.52
CA GLY A 229 3.76 18.62 -37.11
C GLY A 229 4.33 17.93 -35.89
N LYS A 230 5.17 18.63 -35.12
CA LYS A 230 5.89 18.06 -33.99
C LYS A 230 5.30 18.55 -32.68
N SER A 231 5.36 17.69 -31.67
CA SER A 231 4.99 18.04 -30.31
C SER A 231 6.25 18.17 -29.46
N PHE A 232 6.08 18.07 -28.12
CA PHE A 232 7.19 18.31 -27.22
C PHE A 232 7.12 17.41 -25.98
N LEU A 233 8.27 17.28 -25.34
CA LEU A 233 8.36 16.48 -24.13
C LEU A 233 7.97 17.28 -22.89
N ARG A 234 8.57 18.46 -22.71
CA ARG A 234 8.28 19.35 -21.60
CA ARG A 234 8.19 19.37 -21.63
C ARG A 234 8.59 20.78 -22.04
N CYS A 235 8.33 21.73 -21.15
CA CYS A 235 8.62 23.13 -21.50
C CYS A 235 8.82 23.92 -20.22
N TRP A 236 9.32 25.15 -20.38
CA TRP A 236 9.59 26.05 -19.27
C TRP A 236 9.40 27.50 -19.73
N HIS A 237 9.37 28.40 -18.76
CA HIS A 237 9.40 29.84 -19.02
C HIS A 237 10.85 30.31 -19.11
N ILE A 238 11.14 31.24 -20.03
CA ILE A 238 12.46 31.87 -20.08
C ILE A 238 12.40 33.26 -19.47
N THR A 239 11.66 34.16 -20.11
CA THR A 239 11.60 35.57 -19.72
C THR A 239 10.49 36.21 -20.54
N GLY A 240 9.93 37.31 -20.03
CA GLY A 240 8.85 37.97 -20.74
C GLY A 240 7.75 37.00 -21.10
N ASP A 241 7.38 36.95 -22.39
CA ASP A 241 6.41 35.98 -22.92
C ASP A 241 7.10 34.89 -23.72
N TYR A 242 8.38 34.64 -23.46
CA TYR A 242 9.18 33.63 -24.15
C TYR A 242 9.21 32.34 -23.32
N PHE A 243 8.99 31.22 -23.99
CA PHE A 243 9.02 29.91 -23.36
C PHE A 243 9.92 28.99 -24.18
N LEU A 244 10.50 28.01 -23.51
CA LEU A 244 11.41 27.06 -24.13
C LEU A 244 10.71 25.71 -24.19
N LEU A 245 10.71 25.08 -25.36
CA LEU A 245 10.04 23.80 -25.57
C LEU A 245 11.06 22.77 -26.03
N GLN A 246 11.11 21.61 -25.37
CA GLN A 246 12.02 20.54 -25.77
C GLN A 246 11.27 19.69 -26.79
N MET A 247 11.60 19.86 -28.07
CA MET A 247 10.80 19.38 -29.18
C MET A 247 11.21 18.00 -29.64
N TYR A 248 10.25 17.27 -30.18
CA TYR A 248 10.48 15.98 -30.82
C TYR A 248 10.90 16.15 -32.28
N THR A 249 11.79 15.27 -32.75
CA THR A 249 12.13 15.20 -34.17
C THR A 249 11.11 14.40 -34.97
N GLY A 250 10.45 13.44 -34.34
CA GLY A 250 9.43 12.63 -34.98
C GLY A 250 8.18 12.62 -34.11
N GLU A 251 7.51 11.48 -34.11
CA GLU A 251 6.27 11.35 -33.35
C GLU A 251 6.55 11.28 -31.85
N ILE A 252 5.63 11.87 -31.07
CA ILE A 252 5.69 11.79 -29.62
C ILE A 252 5.58 10.32 -29.21
N ASN A 253 6.28 9.96 -28.14
CA ASN A 253 6.30 8.55 -27.78
C ASN A 253 6.55 8.41 -26.29
N SER A 254 6.24 7.23 -25.76
CA SER A 254 6.32 7.01 -24.32
C SER A 254 7.74 7.07 -23.80
N ARG A 255 8.72 6.70 -24.62
CA ARG A 255 10.11 6.69 -24.17
C ARG A 255 10.82 8.03 -24.35
N GLY A 256 10.16 9.01 -24.94
CA GLY A 256 10.84 10.27 -25.16
C GLY A 256 11.90 10.23 -26.23
N THR A 257 11.90 9.19 -27.06
CA THR A 257 12.86 9.08 -28.15
C THR A 257 12.76 10.28 -29.08
N GLY A 258 13.91 10.86 -29.43
CA GLY A 258 13.93 11.96 -30.38
C GLY A 258 13.54 13.30 -29.81
N ALA A 259 13.50 13.46 -28.48
CA ALA A 259 13.21 14.77 -27.88
C ALA A 259 14.53 15.55 -27.79
N THR A 260 15.07 15.91 -28.96
CA THR A 260 16.47 16.31 -29.04
C THR A 260 16.66 17.68 -29.71
N ARG A 261 15.61 18.47 -29.82
CA ARG A 261 15.68 19.84 -30.31
C ARG A 261 15.03 20.78 -29.29
N MET A 262 15.38 22.06 -29.38
CA MET A 262 14.75 23.10 -28.56
C MET A 262 14.07 24.11 -29.48
N ALA A 263 12.93 24.62 -29.06
CA ALA A 263 12.31 25.73 -29.76
C ALA A 263 11.95 26.81 -28.76
N VAL A 264 11.91 28.05 -29.22
CA VAL A 264 11.49 29.19 -28.42
C VAL A 264 10.10 29.62 -28.90
N PHE A 265 9.18 29.74 -27.96
CA PHE A 265 7.79 30.11 -28.22
C PHE A 265 7.56 31.50 -27.65
N LYS A 266 7.18 32.45 -28.50
CA LYS A 266 6.84 33.80 -28.07
C LYS A 266 5.31 33.89 -28.07
N ALA A 267 4.72 33.89 -26.88
CA ALA A 267 3.29 33.63 -26.78
C ALA A 267 2.46 34.70 -27.47
N THR A 268 2.80 35.98 -27.28
CA THR A 268 2.04 37.07 -27.88
C THR A 268 2.57 37.46 -29.26
N GLY A 269 3.50 36.69 -29.82
CA GLY A 269 4.03 37.02 -31.13
C GLY A 269 3.00 36.89 -32.24
N ASN A 270 3.29 37.54 -33.37
CA ASN A 270 2.43 37.49 -34.57
C ASN A 270 1.00 37.95 -34.23
N GLY A 271 0.89 39.10 -33.59
CA GLY A 271 -0.42 39.65 -33.27
C GLY A 271 -1.21 38.79 -32.31
N ASP A 272 -0.54 38.27 -31.27
CA ASP A 272 -1.16 37.46 -30.22
C ASP A 272 -1.67 36.12 -30.75
N LYS A 273 -1.02 35.60 -31.80
CA LYS A 273 -1.29 34.25 -32.29
C LYS A 273 -0.20 33.25 -31.93
N GLY A 274 0.92 33.71 -31.39
CA GLY A 274 2.01 32.82 -31.02
C GLY A 274 2.98 32.62 -32.16
N GLU A 275 4.26 32.46 -31.81
CA GLU A 275 5.34 32.28 -32.77
C GLU A 275 6.32 31.25 -32.22
N LEU A 276 6.72 30.29 -33.05
CA LEU A 276 7.64 29.24 -32.62
C LEU A 276 8.85 29.18 -33.56
N TYR A 277 10.05 29.27 -32.98
CA TYR A 277 11.30 29.22 -33.74
C TYR A 277 12.16 28.11 -33.17
N TYR A 278 12.56 27.16 -34.01
CA TYR A 278 13.58 26.22 -33.59
C TYR A 278 14.88 26.94 -33.29
N VAL A 279 15.56 26.49 -32.23
CA VAL A 279 16.81 27.08 -31.77
C VAL A 279 17.94 26.64 -32.70
N ASP A 280 18.74 27.60 -33.13
CA ASP A 280 19.94 27.37 -33.92
C ASP A 280 21.18 27.41 -33.02
N GLY A 281 22.17 26.59 -33.37
CA GLY A 281 23.43 26.59 -32.65
C GLY A 281 23.65 25.40 -31.74
N LEU A 282 22.62 24.59 -31.51
CA LEU A 282 22.77 23.38 -30.73
C LEU A 282 23.36 22.28 -31.59
N PRO A 283 23.85 21.20 -30.99
CA PRO A 283 24.30 20.06 -31.79
C PRO A 283 23.18 19.50 -32.65
N GLU A 284 23.57 18.86 -33.75
CA GLU A 284 22.63 18.08 -34.55
C GLU A 284 21.84 17.13 -33.66
N PRO A 285 20.54 16.93 -33.92
CA PRO A 285 19.75 16.10 -33.00
C PRO A 285 20.29 14.68 -32.85
N ASP A 286 20.79 14.09 -33.93
CA ASP A 286 21.31 12.72 -33.83
C ASP A 286 22.61 12.64 -33.05
N ARG A 287 23.12 13.78 -32.57
CA ARG A 287 24.30 13.81 -31.73
C ARG A 287 23.98 14.12 -30.27
N ILE A 288 22.71 14.37 -29.96
CA ILE A 288 22.30 14.71 -28.60
C ILE A 288 21.73 13.46 -27.94
N SER A 289 22.27 13.10 -26.77
CA SER A 289 21.69 12.01 -26.02
C SER A 289 20.51 12.49 -25.18
N SER A 290 20.68 13.62 -24.48
CA SER A 290 19.61 14.18 -23.67
C SER A 290 19.97 15.61 -23.32
N PHE A 291 18.99 16.32 -22.77
CA PHE A 291 19.18 17.63 -22.14
C PHE A 291 19.10 17.48 -20.64
N SER A 292 19.57 18.51 -19.92
CA SER A 292 19.77 18.39 -18.47
C SER A 292 18.49 18.46 -17.63
N GLY A 293 17.37 18.98 -18.12
CA GLY A 293 16.14 18.79 -17.34
C GLY A 293 15.37 20.01 -16.85
N THR A 294 16.04 20.94 -16.16
CA THR A 294 15.46 22.23 -15.81
C THR A 294 16.48 23.28 -16.26
N PRO A 295 16.09 24.23 -17.12
CA PRO A 295 17.03 25.29 -17.47
C PRO A 295 17.22 26.28 -16.34
N PHE A 296 18.34 26.98 -16.41
CA PHE A 296 18.64 28.04 -15.47
C PHE A 296 18.53 29.35 -16.22
N CYS A 297 17.67 30.23 -15.75
CA CYS A 297 17.37 31.47 -16.45
C CYS A 297 17.92 32.66 -15.67
N GLU A 298 18.68 33.50 -16.37
CA GLU A 298 19.30 34.67 -15.76
C GLU A 298 19.54 35.68 -16.87
N ASN A 299 19.30 36.95 -16.55
CA ASN A 299 19.53 38.07 -17.47
C ASN A 299 18.91 37.81 -18.84
N GLY A 300 17.70 37.26 -18.83
CA GLY A 300 16.91 37.15 -20.04
C GLY A 300 17.28 36.02 -20.97
N VAL A 301 18.16 35.11 -20.57
CA VAL A 301 18.53 33.97 -21.40
C VAL A 301 18.37 32.69 -20.58
N ALA A 302 18.44 31.54 -21.27
CA ALA A 302 18.27 30.23 -20.66
C ALA A 302 19.54 29.41 -20.86
N TYR A 303 20.03 28.80 -19.77
CA TYR A 303 21.18 27.90 -19.84
C TYR A 303 20.70 26.46 -19.67
N VAL A 304 21.12 25.58 -20.57
CA VAL A 304 20.67 24.20 -20.54
C VAL A 304 21.86 23.28 -20.80
N GLY A 305 21.91 22.17 -20.08
CA GLY A 305 22.97 21.21 -20.30
C GLY A 305 22.61 20.29 -21.46
N VAL A 306 23.61 20.01 -22.28
CA VAL A 306 23.47 19.16 -23.46
C VAL A 306 24.43 17.99 -23.31
N ILE A 307 23.90 16.78 -23.31
CA ILE A 307 24.71 15.57 -23.15
C ILE A 307 24.82 14.90 -24.51
N PRO A 308 26.01 14.85 -25.11
CA PRO A 308 26.15 14.21 -26.42
C PRO A 308 26.16 12.69 -26.32
N ILE A 309 25.88 12.06 -27.46
CA ILE A 309 26.04 10.62 -27.56
C ILE A 309 27.52 10.29 -27.62
N THR A 310 27.93 9.23 -26.91
CA THR A 310 29.32 8.78 -26.84
C THR A 310 30.23 9.86 -26.26
N THR A 315 35.95 11.67 -28.17
CA THR A 315 35.55 12.01 -26.81
C THR A 315 34.73 13.31 -26.79
N ASN A 316 33.49 13.23 -26.30
CA ASN A 316 32.58 14.38 -26.29
C ASN A 316 31.97 14.52 -24.91
N HIS A 317 32.23 15.66 -24.27
CA HIS A 317 31.73 15.93 -22.93
C HIS A 317 30.45 16.76 -22.98
N PRO A 318 29.60 16.61 -21.97
CA PRO A 318 28.46 17.51 -21.84
C PRO A 318 28.91 18.96 -21.70
N ALA A 319 28.06 19.88 -22.12
CA ALA A 319 28.36 21.29 -22.00
C ALA A 319 27.06 22.06 -21.79
N ILE A 320 27.19 23.22 -21.17
CA ILE A 320 26.06 24.12 -20.99
C ILE A 320 25.99 25.10 -22.17
N TYR A 321 24.81 25.18 -22.78
CA TYR A 321 24.55 26.08 -23.90
C TYR A 321 23.67 27.22 -23.43
N LYS A 322 23.96 28.41 -23.94
CA LYS A 322 23.18 29.61 -23.62
C LYS A 322 22.18 29.85 -24.75
N ILE A 323 20.89 29.90 -24.42
CA ILE A 323 19.86 30.10 -25.43
C ILE A 323 19.30 31.51 -25.27
N ASP A 324 19.50 32.32 -26.30
CA ASP A 324 18.97 33.68 -26.31
C ASP A 324 17.61 33.64 -26.96
N PRO A 325 16.51 33.88 -26.23
CA PRO A 325 15.18 33.77 -26.85
C PRO A 325 14.92 34.82 -27.92
N VAL A 326 15.56 35.99 -27.84
CA VAL A 326 15.26 37.04 -28.80
C VAL A 326 15.74 36.65 -30.20
N THR A 327 16.90 35.99 -30.29
CA THR A 327 17.43 35.56 -31.57
C THR A 327 17.27 34.07 -31.82
N HIS A 328 16.68 33.34 -30.86
CA HIS A 328 16.59 31.87 -30.87
C HIS A 328 17.90 31.22 -31.30
N THR A 329 19.00 31.69 -30.70
CA THR A 329 20.34 31.20 -31.00
C THR A 329 20.98 30.64 -29.74
N ALA A 330 21.70 29.53 -29.91
CA ALA A 330 22.42 28.89 -28.81
C ALA A 330 23.92 28.99 -29.04
N THR A 331 24.67 29.18 -27.94
CA THR A 331 26.12 29.20 -27.97
C THR A 331 26.68 28.29 -26.89
N LYS A 332 27.74 27.55 -27.24
CA LYS A 332 28.35 26.57 -26.34
C LYS A 332 29.21 27.26 -25.30
N GLY A 333 29.04 26.87 -24.04
CA GLY A 333 29.74 27.50 -22.94
C GLY A 333 30.59 26.53 -22.14
N LEU A 334 30.30 26.47 -20.84
CA LEU A 334 31.05 25.63 -19.92
C LEU A 334 30.99 24.16 -20.33
N THR A 335 32.15 23.51 -20.33
CA THR A 335 32.22 22.07 -20.51
C THR A 335 32.28 21.38 -19.15
N VAL A 336 31.53 20.29 -19.01
CA VAL A 336 31.46 19.52 -17.78
C VAL A 336 32.10 18.16 -18.06
N ASN A 337 33.23 17.89 -17.40
CA ASN A 337 33.95 16.63 -17.59
C ASN A 337 33.35 15.56 -16.68
N ALA A 338 32.17 15.09 -17.08
CA ALA A 338 31.42 14.09 -16.33
C ALA A 338 30.50 13.37 -17.32
N THR A 339 29.62 12.51 -16.80
CA THR A 339 28.70 11.78 -17.67
C THR A 339 27.58 12.70 -18.15
N GLY A 340 27.00 13.45 -17.22
CA GLY A 340 25.84 14.25 -17.55
C GLY A 340 25.73 15.45 -16.64
N ILE A 341 24.65 16.20 -16.84
CA ILE A 341 24.32 17.40 -16.07
C ILE A 341 22.87 17.26 -15.63
N THR A 342 22.60 17.49 -14.36
CA THR A 342 21.25 17.32 -13.85
C THR A 342 20.69 18.53 -13.12
N ALA A 343 21.44 19.62 -12.99
CA ALA A 343 20.96 20.84 -12.35
C ALA A 343 21.93 21.96 -12.66
N ILE A 344 21.39 23.18 -12.82
CA ILE A 344 22.18 24.38 -13.04
C ILE A 344 21.54 25.51 -12.23
N GLY A 345 22.34 26.20 -11.42
CA GLY A 345 21.77 27.28 -10.64
C GLY A 345 22.84 28.12 -9.97
N ARG A 346 22.39 28.97 -9.07
CA ARG A 346 23.27 29.86 -8.33
C ARG A 346 22.99 29.74 -6.83
N LEU A 347 24.06 29.76 -6.03
CA LEU A 347 23.94 29.78 -4.58
C LEU A 347 24.74 30.96 -4.03
N ALA A 348 24.25 31.56 -2.95
CA ALA A 348 24.90 32.73 -2.39
C ALA A 348 24.75 32.74 -0.87
N LYS A 349 25.67 33.46 -0.23
CA LYS A 349 25.70 33.59 1.24
C LYS A 349 26.61 34.75 1.57
N ASP A 350 26.05 35.82 2.14
CA ASP A 350 26.77 37.04 2.50
C ASP A 350 27.34 37.62 1.20
N SER A 351 28.64 37.92 1.13
CA SER A 351 29.25 38.46 -0.07
C SER A 351 29.65 37.38 -1.08
N HIS A 352 29.57 36.10 -0.70
CA HIS A 352 29.94 35.02 -1.59
C HIS A 352 28.79 34.66 -2.54
N SER A 353 29.15 34.25 -3.75
CA SER A 353 28.18 33.63 -4.64
C SER A 353 28.91 32.87 -5.73
N THR A 354 28.23 31.89 -6.31
CA THR A 354 28.83 31.03 -7.31
C THR A 354 27.72 30.36 -8.10
N TYR A 355 28.01 30.01 -9.34
CA TYR A 355 27.17 29.06 -10.06
C TYR A 355 27.44 27.65 -9.56
N VAL A 356 26.42 26.80 -9.65
CA VAL A 356 26.48 25.43 -9.16
C VAL A 356 25.94 24.53 -10.25
N VAL A 357 26.72 23.53 -10.64
CA VAL A 357 26.34 22.58 -11.68
C VAL A 357 26.36 21.20 -11.05
N SER A 358 25.23 20.50 -11.11
CA SER A 358 25.14 19.11 -10.65
C SER A 358 25.57 18.20 -11.79
N ALA A 359 26.62 17.41 -11.56
CA ALA A 359 27.19 16.53 -12.57
C ALA A 359 27.11 15.09 -12.11
N THR A 360 26.59 14.23 -12.97
CA THR A 360 26.55 12.80 -12.72
C THR A 360 27.82 12.14 -13.24
N VAL A 361 28.31 11.14 -12.51
CA VAL A 361 29.46 10.34 -12.93
C VAL A 361 28.99 8.89 -12.88
N THR A 362 28.74 8.31 -14.05
CA THR A 362 28.17 6.96 -14.15
C THR A 362 29.24 5.99 -14.60
N SER A 363 29.46 4.94 -13.81
CA SER A 363 30.41 3.88 -14.15
C SER A 363 29.63 2.57 -14.35
N ALA A 364 30.35 1.48 -14.63
CA ALA A 364 29.64 0.23 -14.91
C ALA A 364 28.95 -0.32 -13.67
N ASN A 365 29.34 0.10 -12.47
CA ASN A 365 28.80 -0.46 -11.25
C ASN A 365 28.21 0.58 -10.31
N SER A 366 28.22 1.86 -10.67
CA SER A 366 27.71 2.87 -9.76
C SER A 366 27.32 4.12 -10.52
N THR A 367 26.55 4.97 -9.85
CA THR A 367 26.24 6.29 -10.36
C THR A 367 26.47 7.27 -9.23
N ALA A 368 27.41 8.19 -9.40
CA ALA A 368 27.68 9.20 -8.40
C ALA A 368 27.20 10.57 -8.88
N ASN A 369 27.17 11.51 -7.94
CA ASN A 369 26.75 12.87 -8.24
C ASN A 369 27.71 13.83 -7.55
N TYR A 370 28.05 14.93 -8.25
CA TYR A 370 28.93 15.97 -7.74
C TYR A 370 28.34 17.34 -8.00
N LEU A 371 28.27 18.15 -6.94
CA LEU A 371 27.94 19.57 -7.09
C LEU A 371 29.24 20.32 -7.36
N LEU A 372 29.29 21.02 -8.49
CA LEU A 372 30.50 21.69 -8.96
C LEU A 372 30.30 23.20 -8.94
N ALA A 373 31.23 23.92 -8.29
CA ALA A 373 31.15 25.38 -8.25
C ALA A 373 31.94 25.96 -9.41
N THR A 374 31.36 26.94 -10.08
CA THR A 374 32.05 27.62 -11.18
C THR A 374 31.64 29.08 -11.20
N SER A 375 32.57 29.94 -11.58
CA SER A 375 32.30 31.37 -11.70
C SER A 375 31.66 31.75 -13.04
N THR A 376 31.53 30.81 -13.98
CA THR A 376 30.95 31.14 -15.26
C THR A 376 30.29 29.91 -15.86
N LEU A 377 29.24 30.15 -16.63
CA LEU A 377 28.59 29.12 -17.43
C LEU A 377 28.96 29.21 -18.90
N GLU A 378 29.84 30.14 -19.27
CA GLU A 378 30.02 30.48 -20.68
C GLU A 378 31.41 30.17 -21.23
N SER A 379 32.36 29.74 -20.42
CA SER A 379 33.65 29.31 -20.94
C SER A 379 34.28 28.30 -20.00
N GLY A 380 35.37 27.69 -20.46
CA GLY A 380 36.16 26.85 -19.60
C GLY A 380 35.53 25.49 -19.36
N SER A 381 35.96 24.85 -18.28
CA SER A 381 35.42 23.55 -17.93
C SER A 381 35.48 23.36 -16.43
N VAL A 382 34.69 22.40 -15.95
CA VAL A 382 34.75 21.96 -14.56
C VAL A 382 34.90 20.44 -14.55
N THR A 383 35.65 19.94 -13.57
CA THR A 383 35.91 18.53 -13.41
C THR A 383 35.73 18.16 -11.95
N PRO A 384 35.04 17.05 -11.65
CA PRO A 384 35.07 16.53 -10.29
C PRO A 384 36.49 16.13 -9.94
N GLY A 385 36.90 16.45 -8.72
CA GLY A 385 38.23 16.10 -8.29
C GLY A 385 38.98 17.33 -7.84
N ASN A 386 38.23 18.42 -7.69
CA ASN A 386 38.72 19.70 -7.16
C ASN A 386 39.90 20.23 -7.96
N ASN A 388 36.38 22.45 -6.89
CA ASN A 388 35.40 22.83 -5.88
C ASN A 388 34.16 21.96 -6.01
N GLY A 389 34.32 20.66 -5.79
CA GLY A 389 33.23 19.73 -5.92
C GLY A 389 32.79 19.21 -4.57
N PHE A 390 31.55 18.70 -4.49
CA PHE A 390 30.93 18.23 -3.26
C PHE A 390 30.10 17.02 -3.63
N GLU A 391 30.45 15.83 -3.14
CA GLU A 391 29.75 14.63 -3.58
C GLU A 391 28.40 14.49 -2.88
N THR A 392 27.40 14.04 -3.62
CA THR A 392 26.06 13.80 -3.10
C THR A 392 25.54 12.49 -3.68
N ALA A 393 24.41 12.05 -3.13
CA ALA A 393 23.62 11.05 -3.82
C ALA A 393 23.05 11.62 -5.11
N THR A 394 22.70 10.75 -6.03
CA THR A 394 21.98 11.17 -7.23
C THR A 394 20.57 11.64 -6.86
N GLY A 395 19.98 12.42 -7.74
CA GLY A 395 18.64 12.95 -7.51
C GLY A 395 17.75 12.82 -8.73
N THR A 396 16.50 12.43 -8.49
CA THR A 396 15.49 12.40 -9.55
C THR A 396 15.10 13.79 -9.99
N ALA A 397 15.06 14.73 -9.06
CA ALA A 397 14.73 16.11 -9.35
C ALA A 397 15.57 17.02 -8.46
N TRP A 398 16.04 18.12 -9.03
CA TRP A 398 16.81 19.13 -8.32
C TRP A 398 16.11 20.48 -8.46
N ILE A 399 15.96 21.18 -7.35
CA ILE A 399 15.24 22.44 -7.31
C ILE A 399 16.08 23.45 -6.55
N PHE A 400 16.43 24.55 -7.23
CA PHE A 400 17.00 25.71 -6.55
C PHE A 400 15.89 26.58 -6.01
N TYR A 401 15.96 26.89 -4.71
CA TYR A 401 15.08 27.90 -4.14
C TYR A 401 15.83 29.23 -4.20
N LYS A 402 15.41 30.10 -5.14
CA LYS A 402 16.10 31.36 -5.41
C LYS A 402 17.58 31.09 -5.62
N ASP A 403 18.45 31.89 -5.02
CA ASP A 403 19.87 31.58 -4.98
C ASP A 403 20.34 31.19 -3.58
N GLN A 404 19.43 30.63 -2.78
CA GLN A 404 19.69 30.34 -1.37
C GLN A 404 19.93 28.87 -1.09
N TYR A 405 19.10 27.99 -1.63
CA TYR A 405 19.18 26.56 -1.32
C TYR A 405 19.04 25.75 -2.59
N LEU A 406 19.60 24.54 -2.55
CA LEU A 406 19.42 23.54 -3.58
C LEU A 406 18.86 22.29 -2.92
N TYR A 407 17.69 21.84 -3.38
CA TYR A 407 17.03 20.65 -2.86
C TYR A 407 17.14 19.49 -3.85
N ARG A 408 17.50 18.32 -3.34
CA ARG A 408 17.55 17.08 -4.10
C ARG A 408 16.35 16.23 -3.71
N LEU A 409 15.61 15.75 -4.72
CA LEU A 409 14.43 14.89 -4.52
C LEU A 409 14.65 13.60 -5.29
N GLN A 410 14.57 12.46 -4.60
CA GLN A 410 14.88 11.16 -5.18
C GLN A 410 13.63 10.29 -5.26
N TYR A 411 13.36 9.73 -6.44
CA TYR A 411 12.19 8.88 -6.66
C TYR A 411 12.57 7.43 -6.41
N ASN A 412 11.64 6.66 -5.82
CA ASN A 412 11.96 5.31 -5.39
C ASN A 412 10.84 4.33 -5.74
N GLN A 413 10.32 4.44 -6.97
CA GLN A 413 9.30 3.53 -7.53
C GLN A 413 8.09 3.59 -6.61
N GLY A 414 7.56 2.46 -6.13
CA GLY A 414 6.42 2.48 -5.24
C GLY A 414 6.73 2.88 -3.82
N ASN A 415 8.01 2.83 -3.43
CA ASN A 415 8.40 3.17 -2.07
C ASN A 415 8.48 4.68 -1.90
N GLU A 416 8.93 5.11 -0.73
CA GLU A 416 8.96 6.53 -0.38
C GLU A 416 10.14 7.23 -1.06
N GLY A 417 9.92 8.49 -1.45
CA GLY A 417 11.00 9.32 -1.94
C GLY A 417 11.95 9.75 -0.84
N VAL A 418 13.05 10.39 -1.25
CA VAL A 418 14.04 10.93 -0.31
C VAL A 418 14.43 12.32 -0.75
N THR A 419 14.83 13.15 0.22
CA THR A 419 15.28 14.51 -0.08
C THR A 419 16.39 14.92 0.89
N THR A 420 17.35 15.69 0.37
CA THR A 420 18.36 16.42 1.13
C THR A 420 18.51 17.81 0.52
N ALA A 421 19.20 18.71 1.22
CA ALA A 421 19.29 20.10 0.76
C ALA A 421 20.68 20.65 1.01
N TYR A 422 21.04 21.65 0.21
CA TYR A 422 22.40 22.18 0.20
C TYR A 422 22.37 23.70 0.16
N GLU A 423 23.46 24.30 0.62
CA GLU A 423 23.59 25.75 0.69
C GLU A 423 25.07 26.11 0.64
N LEU A 424 25.34 27.41 0.59
CA LEU A 424 26.68 27.95 0.69
C LEU A 424 26.94 28.35 2.14
N ASN A 425 28.06 27.89 2.70
CA ASN A 425 28.41 28.29 4.05
C ASN A 425 28.95 29.72 4.05
N THR A 426 29.38 30.20 5.22
CA THR A 426 29.88 31.57 5.29
C THR A 426 31.23 31.73 4.60
N ASN A 427 31.93 30.62 4.34
CA ASN A 427 33.19 30.62 3.61
C ASN A 427 33.01 30.40 2.11
N GLY A 428 31.80 30.60 1.58
CA GLY A 428 31.55 30.40 0.17
C GLY A 428 31.66 28.97 -0.33
N GLY A 429 31.84 28.00 0.55
CA GLY A 429 31.88 26.63 0.14
C GLY A 429 30.52 25.96 0.17
N ILE A 430 30.38 24.89 -0.61
CA ILE A 430 29.12 24.18 -0.65
C ILE A 430 28.96 23.35 0.61
N ALA A 431 27.79 23.45 1.24
CA ALA A 431 27.52 22.74 2.48
C ALA A 431 26.15 22.08 2.41
N LYS A 432 26.03 20.96 3.12
CA LYS A 432 24.79 20.22 3.25
C LYS A 432 23.96 20.82 4.38
N ARG A 433 22.65 20.88 4.18
CA ARG A 433 21.78 21.37 5.25
C ARG A 433 21.58 20.27 6.28
N SER A 434 21.33 20.69 7.53
CA SER A 434 21.31 19.76 8.64
C SER A 434 20.21 18.71 8.48
N ASN A 435 19.00 19.15 8.14
CA ASN A 435 17.84 18.25 8.13
C ASN A 435 17.72 17.52 6.80
N GLU A 436 17.44 16.23 6.88
CA GLU A 436 17.08 15.37 5.76
C GLU A 436 15.70 14.76 6.05
N TYR A 437 15.05 14.25 5.00
CA TYR A 437 13.67 13.81 5.14
C TYR A 437 13.40 12.57 4.29
N THR A 438 12.57 11.67 4.83
CA THR A 438 11.86 10.69 4.03
C THR A 438 10.50 11.28 3.69
N ILE A 439 10.11 11.23 2.41
CA ILE A 439 8.87 11.87 1.99
C ILE A 439 8.00 10.89 1.22
N THR A 440 6.72 11.24 1.08
CA THR A 440 5.81 10.46 0.26
C THR A 440 6.32 10.37 -1.18
N ARG A 441 6.04 9.24 -1.83
CA ARG A 441 6.26 9.11 -3.26
C ARG A 441 5.70 10.33 -4.00
N PHE A 442 6.46 10.86 -4.96
CA PHE A 442 6.05 12.06 -5.69
C PHE A 442 6.12 11.80 -7.19
N THR A 443 5.25 12.50 -7.92
CA THR A 443 5.26 12.46 -9.37
C THR A 443 5.23 13.86 -9.96
N THR A 444 5.20 14.89 -9.12
CA THR A 444 5.36 16.27 -9.57
C THR A 444 5.88 17.09 -8.40
N TYR A 445 6.36 18.31 -8.70
CA TYR A 445 6.90 19.17 -7.66
C TYR A 445 6.86 20.62 -8.13
N GLY A 446 7.02 21.53 -7.18
CA GLY A 446 7.08 22.95 -7.49
C GLY A 446 7.36 23.74 -6.23
N ILE A 447 7.24 25.07 -6.35
CA ILE A 447 7.47 25.97 -5.22
C ILE A 447 6.28 26.90 -5.08
N PHE A 448 5.90 27.20 -3.84
CA PHE A 448 5.01 28.32 -3.56
C PHE A 448 5.47 28.96 -2.26
N GLY A 449 5.72 30.27 -2.31
CA GLY A 449 6.20 30.97 -1.13
C GLY A 449 7.48 30.35 -0.64
N GLU A 450 7.53 30.05 0.66
CA GLU A 450 8.72 29.43 1.26
C GLU A 450 8.61 27.92 1.33
N ASN A 451 7.72 27.32 0.56
CA ASN A 451 7.49 25.89 0.57
C ASN A 451 7.85 25.29 -0.79
N ILE A 452 8.73 24.29 -0.77
CA ILE A 452 8.82 23.36 -1.88
C ILE A 452 7.73 22.31 -1.69
N ILE A 453 6.96 22.04 -2.74
CA ILE A 453 5.79 21.18 -2.66
C ILE A 453 5.96 20.03 -3.64
N SER A 454 5.70 18.81 -3.17
CA SER A 454 5.70 17.61 -4.01
C SER A 454 4.39 16.84 -3.79
N SER A 455 4.01 16.04 -4.79
CA SER A 455 2.66 15.48 -4.82
C SER A 455 2.64 14.21 -5.65
N SER A 456 1.67 13.33 -5.37
CA SER A 456 1.35 12.21 -6.25
C SER A 456 -0.06 11.72 -5.91
N ALA A 457 -0.55 10.81 -6.76
CA ALA A 457 -1.82 10.15 -6.53
C ALA A 457 -1.56 8.90 -5.69
N VAL A 458 -2.29 8.77 -4.57
CA VAL A 458 -2.02 7.70 -3.61
C VAL A 458 -3.29 6.92 -3.34
N ASP A 459 -3.12 5.68 -2.88
CA ASP A 459 -4.19 4.93 -2.25
C ASP A 459 -4.35 5.39 -0.80
N ALA A 460 -5.57 5.69 -0.39
CA ALA A 460 -5.77 6.17 0.97
C ALA A 460 -7.19 5.84 1.43
N THR A 461 -7.35 5.73 2.74
CA THR A 461 -8.66 5.48 3.34
C THR A 461 -9.48 6.77 3.40
N PHE A 462 -10.71 6.71 2.88
CA PHE A 462 -11.67 7.79 2.99
C PHE A 462 -12.98 7.26 3.55
N THR A 463 -13.68 8.15 4.27
CA THR A 463 -15.00 7.88 4.81
C THR A 463 -16.04 8.32 3.78
N ASP A 464 -16.87 7.38 3.34
CA ASP A 464 -17.86 7.58 2.29
C ASP A 464 -17.16 7.95 0.98
N THR B 35 13.87 -4.94 -12.43
CA THR B 35 12.68 -5.57 -12.99
C THR B 35 11.51 -5.57 -12.00
N GLN B 36 10.31 -5.83 -12.53
CA GLN B 36 9.08 -5.88 -11.77
C GLN B 36 8.43 -7.24 -11.99
N SER B 37 7.84 -7.82 -10.93
CA SER B 37 7.24 -9.13 -11.08
C SER B 37 6.12 -9.32 -10.06
N VAL B 38 5.21 -10.25 -10.39
CA VAL B 38 4.10 -10.59 -9.50
C VAL B 38 4.60 -11.68 -8.56
N GLN B 39 4.53 -11.41 -7.27
CA GLN B 39 5.03 -12.33 -6.25
C GLN B 39 3.94 -12.51 -5.19
N LYS B 40 4.18 -13.44 -4.26
CA LYS B 40 3.32 -13.57 -3.12
C LYS B 40 3.75 -12.58 -2.04
N GLY B 41 2.76 -11.93 -1.42
CA GLY B 41 3.02 -11.00 -0.34
C GLY B 41 2.09 -11.29 0.83
N ILE B 42 2.34 -10.58 1.94
CA ILE B 42 1.53 -10.68 3.15
C ILE B 42 0.90 -9.33 3.39
N ALA B 43 -0.43 -9.27 3.32
CA ALA B 43 -1.16 -8.03 3.55
C ALA B 43 -1.51 -7.92 5.03
N ILE B 44 -1.37 -6.71 5.56
CA ILE B 44 -1.69 -6.43 6.95
C ILE B 44 -2.66 -5.25 6.96
N THR B 45 -3.78 -5.42 7.65
CA THR B 45 -4.77 -4.35 7.81
C THR B 45 -4.91 -4.03 9.28
N TYR B 46 -4.98 -2.73 9.60
CA TYR B 46 -5.12 -2.23 10.95
C TYR B 46 -6.49 -1.58 11.11
N LEU B 47 -7.20 -1.92 12.19
CA LEU B 47 -8.38 -1.18 12.61
C LEU B 47 -8.08 -0.58 13.99
N HIS B 48 -7.90 0.74 14.04
CA HIS B 48 -7.54 1.38 15.30
C HIS B 48 -8.79 1.58 16.15
N VAL B 49 -8.82 0.96 17.34
CA VAL B 49 -10.08 0.86 18.08
C VAL B 49 -10.49 2.21 18.69
N THR B 50 -9.53 3.07 19.03
CA THR B 50 -9.89 4.36 19.61
C THR B 50 -10.21 5.38 18.54
N ASP B 51 -9.37 5.48 17.50
CA ASP B 51 -9.57 6.47 16.44
C ASP B 51 -10.65 6.05 15.45
N GLN B 52 -10.99 4.76 15.41
CA GLN B 52 -11.91 4.20 14.41
C GLN B 52 -11.44 4.54 12.98
N ILE B 53 -10.20 4.14 12.70
CA ILE B 53 -9.53 4.43 11.43
C ILE B 53 -8.93 3.13 10.90
N MET B 54 -9.22 2.82 9.65
CA MET B 54 -8.61 1.69 8.95
C MET B 54 -7.32 2.12 8.25
N LYS B 55 -6.30 1.28 8.31
CA LYS B 55 -5.02 1.53 7.65
C LYS B 55 -4.47 0.25 7.04
N ASN B 56 -3.87 0.34 5.86
CA ASN B 56 -3.22 -0.82 5.24
C ASN B 56 -1.71 -0.63 5.25
N ARG B 57 -1.00 -1.63 5.75
CA ARG B 57 0.44 -1.63 5.67
C ARG B 57 0.87 -1.85 4.23
N ASP B 58 2.04 -1.32 3.87
CA ASP B 58 2.71 -1.79 2.66
C ASP B 58 2.74 -3.31 2.68
N VAL B 59 2.51 -3.93 1.53
CA VAL B 59 2.54 -5.38 1.49
C VAL B 59 3.95 -5.88 1.75
N ILE B 60 4.05 -6.91 2.59
CA ILE B 60 5.33 -7.55 2.93
C ILE B 60 5.63 -8.64 1.91
N ARG B 61 6.90 -8.73 1.51
CA ARG B 61 7.33 -9.79 0.61
C ARG B 61 7.16 -11.14 1.30
N GLY B 62 6.42 -12.04 0.66
CA GLY B 62 6.24 -13.36 1.21
C GLY B 62 7.16 -14.39 0.59
N GLU B 63 7.71 -14.08 -0.59
CA GLU B 63 8.59 -15.01 -1.28
C GLU B 63 9.83 -15.29 -0.42
N ASN B 64 10.21 -16.57 -0.31
CA ASN B 64 11.41 -16.98 0.44
C ASN B 64 11.39 -16.51 1.90
N PHE B 65 10.19 -16.41 2.49
CA PHE B 65 10.07 -15.88 3.85
C PHE B 65 10.93 -16.66 4.85
N LEU B 66 11.03 -17.98 4.65
CA LEU B 66 11.74 -18.86 5.56
C LEU B 66 13.06 -19.36 5.00
N GLY B 67 13.53 -18.79 3.89
CA GLY B 67 14.81 -19.17 3.36
C GLY B 67 14.82 -20.43 2.52
N ASN B 68 13.66 -20.92 2.08
CA ASN B 68 13.62 -22.11 1.23
C ASN B 68 12.80 -21.87 -0.03
N GLY B 69 12.54 -20.60 -0.36
CA GLY B 69 11.78 -20.23 -1.52
C GLY B 69 10.28 -20.15 -1.31
N GLU B 70 9.75 -20.84 -0.32
CA GLU B 70 8.31 -20.92 -0.16
C GLU B 70 7.75 -19.60 0.40
N TYR B 71 6.48 -19.34 0.09
CA TYR B 71 5.77 -18.21 0.69
C TYR B 71 4.90 -18.70 1.84
N VAL B 72 4.32 -17.75 2.60
CA VAL B 72 3.67 -18.09 3.86
C VAL B 72 2.33 -17.40 4.00
N THR B 73 1.52 -17.94 4.92
CA THR B 73 0.29 -17.37 5.45
C THR B 73 0.47 -17.25 6.95
N PHE B 74 0.29 -16.06 7.50
CA PHE B 74 0.33 -15.91 8.95
C PHE B 74 -0.86 -16.64 9.59
N ALA B 75 -0.58 -17.38 10.67
CA ALA B 75 -1.65 -17.97 11.47
C ALA B 75 -1.54 -17.40 12.88
N GLY B 76 -2.48 -16.54 13.23
CA GLY B 76 -2.59 -15.88 14.52
C GLY B 76 -1.79 -14.60 14.60
N ILE B 77 -2.29 -13.67 15.41
CA ILE B 77 -1.60 -12.45 15.77
C ILE B 77 -1.65 -12.39 17.28
N LEU B 78 -0.59 -12.84 17.96
CA LEU B 78 -0.61 -13.03 19.40
C LEU B 78 0.17 -11.92 20.10
N GLU B 79 -0.50 -11.15 20.94
CA GLU B 79 0.19 -10.20 21.79
C GLU B 79 0.69 -10.87 23.06
N ALA B 80 1.99 -10.78 23.30
CA ALA B 80 2.58 -11.38 24.50
C ALA B 80 3.95 -10.75 24.71
N ASN B 81 4.26 -10.36 25.95
CA ASN B 81 5.57 -9.79 26.27
C ASN B 81 5.85 -8.53 25.47
N ASN B 82 4.80 -7.75 25.17
CA ASN B 82 4.90 -6.52 24.40
C ASN B 82 5.43 -6.75 22.99
N LYS B 83 5.15 -7.92 22.42
CA LYS B 83 5.56 -8.26 21.07
C LYS B 83 4.44 -9.02 20.37
N ILE B 84 4.60 -9.25 19.08
CA ILE B 84 3.66 -10.01 18.26
C ILE B 84 4.31 -11.32 17.86
N TYR B 85 3.62 -12.43 18.12
CA TYR B 85 4.02 -13.75 17.65
C TYR B 85 3.03 -14.22 16.60
N THR B 86 3.55 -14.83 15.55
CA THR B 86 2.71 -15.46 14.55
C THR B 86 3.42 -16.69 14.05
N ALA B 87 2.64 -17.63 13.51
CA ALA B 87 3.20 -18.82 12.90
C ALA B 87 3.12 -18.62 11.41
N PRO B 88 4.24 -18.43 10.70
CA PRO B 88 4.17 -18.34 9.24
C PRO B 88 3.99 -19.74 8.65
N ILE B 89 2.78 -19.99 8.13
CA ILE B 89 2.46 -21.32 7.62
C ILE B 89 2.95 -21.43 6.18
N PRO B 90 3.83 -22.38 5.86
CA PRO B 90 4.33 -22.48 4.49
C PRO B 90 3.22 -22.91 3.53
N MET B 91 3.24 -22.34 2.32
CA MET B 91 2.21 -22.57 1.33
C MET B 91 2.69 -23.34 0.12
N GLY B 92 3.96 -23.72 0.07
CA GLY B 92 4.57 -24.20 -1.15
C GLY B 92 5.22 -23.09 -1.95
N LEU B 93 5.23 -23.23 -3.27
CA LEU B 93 5.88 -22.30 -4.17
C LEU B 93 4.85 -21.61 -5.06
N SER B 94 4.97 -20.29 -5.19
CA SER B 94 4.19 -19.55 -6.16
C SER B 94 4.68 -19.83 -7.59
N VAL B 95 4.00 -19.26 -8.57
CA VAL B 95 4.50 -19.30 -9.94
C VAL B 95 5.89 -18.69 -9.99
N TYR B 96 6.06 -17.50 -9.40
CA TYR B 96 7.36 -16.87 -9.27
C TYR B 96 8.36 -17.78 -8.56
N GLY B 97 7.91 -18.44 -7.48
CA GLY B 97 8.84 -19.21 -6.68
C GLY B 97 9.38 -20.44 -7.40
N SER B 98 8.52 -21.14 -8.15
CA SER B 98 8.98 -22.36 -8.81
C SER B 98 9.86 -22.04 -10.01
N ALA B 99 9.68 -20.88 -10.62
CA ALA B 99 10.52 -20.49 -11.76
C ALA B 99 11.87 -19.94 -11.32
N PHE B 100 11.91 -19.31 -10.14
CA PHE B 100 13.05 -18.51 -9.71
C PHE B 100 14.38 -19.25 -9.86
N GLU B 101 15.32 -18.59 -10.56
CA GLU B 101 16.67 -19.11 -10.83
C GLU B 101 16.63 -20.57 -11.29
N ASP B 102 15.89 -20.79 -12.37
CA ASP B 102 15.71 -22.10 -13.01
C ASP B 102 15.40 -23.21 -12.00
N GLY B 103 14.39 -22.97 -11.16
CA GLY B 103 13.92 -24.01 -10.28
C GLY B 103 14.76 -24.26 -9.05
N LYS B 104 15.53 -23.26 -8.62
CA LYS B 104 16.36 -23.27 -7.42
C LYS B 104 15.66 -23.94 -6.24
N TRP B 105 14.40 -23.60 -6.05
CA TRP B 105 13.67 -23.96 -4.85
C TRP B 105 12.82 -25.22 -5.01
N VAL B 106 12.75 -25.78 -6.22
CA VAL B 106 11.84 -26.90 -6.48
C VAL B 106 12.53 -28.19 -6.03
N LYS B 107 12.12 -28.72 -4.87
CA LYS B 107 12.67 -29.97 -4.36
C LYS B 107 12.00 -31.18 -5.01
N TYR B 108 10.69 -31.11 -5.24
CA TYR B 108 9.91 -32.20 -5.80
C TYR B 108 9.28 -31.71 -7.10
N PRO B 109 10.03 -31.73 -8.20
CA PRO B 109 9.52 -31.14 -9.46
C PRO B 109 8.29 -31.83 -9.99
N GLU B 110 8.06 -33.08 -9.60
CA GLU B 110 6.87 -33.80 -10.01
C GLU B 110 5.60 -33.17 -9.46
N LEU B 111 5.70 -32.38 -8.39
CA LEU B 111 4.53 -31.78 -7.75
C LEU B 111 4.11 -30.47 -8.39
N VAL B 112 4.97 -29.85 -9.22
CA VAL B 112 4.61 -28.57 -9.83
C VAL B 112 3.41 -28.75 -10.75
N LYS B 113 2.44 -27.85 -10.63
CA LYS B 113 1.21 -27.96 -11.40
C LYS B 113 1.47 -27.66 -12.87
N THR B 114 0.96 -28.54 -13.75
CA THR B 114 1.11 -28.37 -15.19
C THR B 114 -0.03 -27.57 -15.81
N GLU B 115 -1.15 -27.44 -15.13
CA GLU B 115 -2.27 -26.65 -15.62
C GLU B 115 -2.96 -25.98 -14.44
N ASP B 116 -3.87 -25.07 -14.75
CA ASP B 116 -4.74 -24.51 -13.72
C ASP B 116 -5.72 -25.58 -13.24
N GLY B 117 -6.28 -25.35 -12.05
CA GLY B 117 -7.20 -26.29 -11.47
C GLY B 117 -7.47 -25.94 -10.02
N GLY B 118 -8.11 -26.87 -9.33
CA GLY B 118 -8.45 -26.70 -7.93
C GLY B 118 -9.66 -25.81 -7.73
N SER B 119 -10.32 -26.01 -6.59
CA SER B 119 -11.54 -25.31 -6.24
C SER B 119 -11.29 -24.29 -5.13
N ASN B 120 -12.16 -23.27 -5.08
CA ASN B 120 -12.20 -22.23 -4.04
C ASN B 120 -10.83 -21.73 -3.61
N SER B 121 -10.62 -21.55 -2.30
CA SER B 121 -9.36 -21.00 -1.80
C SER B 121 -8.17 -21.91 -2.08
N SER B 122 -8.41 -23.17 -2.45
CA SER B 122 -7.34 -24.08 -2.84
C SER B 122 -7.18 -24.21 -4.35
N SER B 123 -7.60 -23.19 -5.10
CA SER B 123 -7.33 -23.14 -6.52
C SER B 123 -5.85 -22.90 -6.76
N TYR B 124 -5.31 -23.50 -7.83
CA TYR B 124 -3.91 -23.35 -8.17
C TYR B 124 -3.77 -22.92 -9.63
N GLU B 125 -2.73 -22.14 -9.90
CA GLU B 125 -2.37 -21.77 -11.26
C GLU B 125 -1.20 -22.62 -11.74
N LYS B 126 -1.11 -22.75 -13.06
CA LYS B 126 -0.03 -23.50 -13.69
C LYS B 126 1.32 -22.97 -13.22
N GLY B 127 2.18 -23.88 -12.76
CA GLY B 127 3.49 -23.51 -12.27
C GLY B 127 3.61 -23.41 -10.76
N GLU B 128 2.51 -23.40 -10.02
CA GLU B 128 2.59 -23.44 -8.57
C GLU B 128 2.97 -24.83 -8.09
N LEU B 129 3.63 -24.89 -6.94
CA LEU B 129 3.79 -26.13 -6.18
C LEU B 129 2.96 -25.93 -4.91
N GLN B 130 1.83 -26.63 -4.84
CA GLN B 130 0.86 -26.39 -3.77
C GLN B 130 1.23 -27.19 -2.52
N TRP B 131 1.18 -26.50 -1.37
CA TRP B 131 1.47 -26.99 -0.03
C TRP B 131 2.97 -27.18 0.16
N THR B 132 3.41 -27.19 1.42
CA THR B 132 4.84 -27.13 1.69
C THR B 132 5.55 -28.43 1.29
N GLN B 133 6.78 -28.25 0.82
CA GLN B 133 7.71 -29.35 0.61
C GLN B 133 8.43 -29.74 1.89
N TYR B 134 8.30 -28.94 2.97
CA TYR B 134 9.00 -29.19 4.23
C TYR B 134 7.99 -29.32 5.37
N PRO B 135 7.31 -30.47 5.48
CA PRO B 135 6.23 -30.60 6.47
C PRO B 135 6.70 -30.95 7.88
N ASN B 136 7.96 -31.28 8.07
CA ASN B 136 8.39 -31.83 9.36
C ASN B 136 9.12 -30.79 10.19
N GLU B 137 8.52 -29.60 10.29
CA GLU B 137 9.10 -28.51 11.05
C GLU B 137 8.02 -27.46 11.27
N ALA B 138 8.29 -26.54 12.18
CA ALA B 138 7.41 -25.41 12.43
C ALA B 138 8.27 -24.17 12.66
N TRP B 139 7.77 -23.03 12.19
CA TRP B 139 8.44 -21.75 12.38
C TRP B 139 7.55 -20.84 13.20
N VAL B 140 8.18 -19.93 13.94
CA VAL B 140 7.51 -18.83 14.61
C VAL B 140 8.25 -17.54 14.24
N ALA B 141 7.49 -16.49 13.94
CA ALA B 141 8.05 -15.16 13.78
C ALA B 141 7.67 -14.28 14.98
N ILE B 142 8.67 -13.63 15.57
CA ILE B 142 8.48 -12.69 16.66
C ILE B 142 8.81 -11.30 16.14
N TYR B 143 7.78 -10.43 16.12
CA TYR B 143 7.92 -9.04 15.71
C TYR B 143 7.93 -8.13 16.93
N ASN B 144 8.76 -7.09 16.88
CA ASN B 144 8.91 -6.22 18.04
C ASN B 144 7.70 -5.33 18.26
N ASP B 145 6.99 -4.97 17.20
CA ASP B 145 5.83 -4.08 17.32
C ASP B 145 4.96 -4.26 16.09
N GLU B 146 3.86 -3.49 16.06
CA GLU B 146 2.84 -3.61 15.03
C GLU B 146 3.26 -3.08 13.67
N ASN B 147 4.49 -2.59 13.51
CA ASN B 147 4.92 -2.20 12.18
C ASN B 147 5.36 -3.39 11.35
N PHE B 148 5.47 -4.57 11.95
CA PHE B 148 5.87 -5.81 11.31
C PHE B 148 7.17 -5.64 10.50
N ASN B 149 8.22 -5.16 11.18
CA ASN B 149 9.55 -5.06 10.60
C ASN B 149 10.51 -6.05 11.26
N ASN B 150 11.39 -6.63 10.45
CA ASN B 150 12.54 -7.37 10.91
C ASN B 150 12.23 -8.48 11.93
N PRO B 151 11.47 -9.50 11.51
CA PRO B 151 11.08 -10.55 12.44
C PRO B 151 12.29 -11.36 12.92
N THR B 152 12.17 -11.88 14.13
CA THR B 152 13.03 -12.96 14.59
C THR B 152 12.37 -14.27 14.18
N LEU B 153 13.05 -15.05 13.34
CA LEU B 153 12.48 -16.28 12.81
C LEU B 153 13.18 -17.45 13.48
N ILE B 154 12.39 -18.33 14.08
CA ILE B 154 12.95 -19.51 14.74
C ILE B 154 12.21 -20.76 14.28
N ARG B 155 12.95 -21.87 14.26
CA ARG B 155 12.52 -23.14 13.68
C ARG B 155 12.64 -24.25 14.73
N THR B 156 11.71 -25.19 14.70
CA THR B 156 11.82 -26.44 15.46
C THR B 156 11.53 -27.61 14.53
N ASP B 157 12.20 -28.74 14.78
CA ASP B 157 11.91 -29.95 14.03
C ASP B 157 11.07 -30.95 14.82
N LYS B 158 10.54 -30.55 15.96
CA LYS B 158 9.82 -31.48 16.82
C LYS B 158 8.33 -31.57 16.50
N ILE B 159 7.77 -30.58 15.80
CA ILE B 159 6.36 -30.55 15.44
C ILE B 159 6.24 -30.09 13.99
N SER B 160 5.10 -30.38 13.38
CA SER B 160 4.78 -29.79 12.08
C SER B 160 4.26 -28.36 12.28
N TYR B 161 3.78 -27.70 11.22
CA TYR B 161 3.48 -26.28 11.33
C TYR B 161 2.31 -26.01 12.26
N ALA B 162 2.33 -24.82 12.90
CA ALA B 162 1.44 -24.48 14.01
C ALA B 162 0.21 -23.72 13.51
N CYS B 163 -0.75 -24.46 12.97
CA CYS B 163 -2.06 -23.90 12.73
C CYS B 163 -3.05 -25.06 12.62
N GLY B 164 -4.33 -24.73 12.77
CA GLY B 164 -5.40 -25.63 12.43
C GLY B 164 -5.97 -25.23 11.07
N ARG B 165 -6.55 -26.21 10.38
CA ARG B 165 -7.14 -25.98 9.08
C ARG B 165 -8.52 -26.63 9.04
N MET B 166 -9.47 -25.90 8.46
CA MET B 166 -10.75 -26.47 8.05
C MET B 166 -11.08 -25.85 6.70
N ARG B 167 -11.00 -26.64 5.64
CA ARG B 167 -11.17 -26.14 4.27
C ARG B 167 -10.37 -24.84 4.08
N SER B 168 -11.06 -23.72 3.89
CA SER B 168 -10.42 -22.46 3.53
C SER B 168 -9.74 -21.77 4.70
N GLN B 169 -9.91 -22.27 5.92
CA GLN B 169 -9.62 -21.48 7.10
C GLN B 169 -8.34 -21.92 7.79
N TYR B 170 -7.68 -20.96 8.43
CA TYR B 170 -6.52 -21.17 9.27
C TYR B 170 -6.89 -20.78 10.69
N TYR B 171 -6.64 -21.67 11.65
CA TYR B 171 -6.93 -21.39 13.05
C TYR B 171 -5.63 -21.22 13.83
N GLN B 172 -5.60 -20.20 14.70
CA GLN B 172 -4.43 -19.92 15.52
C GLN B 172 -4.22 -21.04 16.53
N THR B 173 -2.97 -21.51 16.65
CA THR B 173 -2.61 -22.53 17.62
C THR B 173 -1.32 -22.19 18.36
N ILE B 174 -0.96 -20.90 18.42
CA ILE B 174 0.08 -20.41 19.31
C ILE B 174 -0.56 -19.48 20.34
N TRP B 175 -0.22 -19.69 21.61
CA TRP B 175 -0.90 -19.00 22.71
C TRP B 175 0.08 -18.76 23.86
N ALA B 176 -0.18 -17.72 24.65
CA ALA B 176 0.65 -17.39 25.79
C ALA B 176 0.02 -17.84 27.11
N ALA B 177 0.79 -18.55 27.93
CA ALA B 177 0.40 -18.76 29.31
C ALA B 177 0.37 -17.40 30.03
N ASP B 178 -0.19 -17.38 31.25
CA ASP B 178 -0.27 -16.11 31.96
C ASP B 178 1.10 -15.57 32.36
N ASN B 179 2.13 -16.40 32.40
CA ASN B 179 3.47 -15.89 32.72
C ASN B 179 4.23 -15.38 31.49
N GLY B 180 3.62 -15.38 30.31
CA GLY B 180 4.27 -14.90 29.10
C GLY B 180 4.94 -15.97 28.26
N ASP B 181 5.10 -17.18 28.79
CA ASP B 181 5.58 -18.29 27.98
C ASP B 181 4.62 -18.51 26.82
N VAL B 182 5.17 -18.67 25.63
CA VAL B 182 4.36 -18.93 24.43
C VAL B 182 4.44 -20.41 24.09
N TYR B 183 3.28 -21.07 24.08
CA TYR B 183 3.17 -22.47 23.71
C TYR B 183 2.72 -22.57 22.26
N VAL B 184 3.40 -23.41 21.50
CA VAL B 184 3.25 -23.48 20.05
C VAL B 184 2.74 -24.88 19.75
N PHE B 185 1.45 -25.00 19.39
CA PHE B 185 0.80 -26.28 19.16
C PHE B 185 0.70 -26.59 17.67
N SER B 186 0.85 -27.87 17.32
CA SER B 186 0.57 -28.29 15.97
C SER B 186 -0.34 -29.51 15.98
N PRO B 187 -1.45 -29.49 15.24
CA PRO B 187 -2.25 -30.70 15.07
C PRO B 187 -1.74 -31.62 13.97
N SER B 188 -0.63 -31.27 13.33
CA SER B 188 -0.07 -32.06 12.23
C SER B 188 -1.14 -32.30 11.16
N TYR B 189 -1.83 -31.22 10.81
CA TYR B 189 -2.75 -31.25 9.69
C TYR B 189 -2.11 -31.82 8.42
N ALA B 190 -0.81 -31.55 8.21
CA ALA B 190 -0.16 -32.04 7.00
C ALA B 190 -0.19 -33.58 6.86
N LYS B 191 -0.51 -34.33 7.92
CA LYS B 191 -0.54 -35.77 7.75
C LYS B 191 -1.60 -36.23 6.74
N ILE B 192 -2.54 -35.36 6.36
CA ILE B 192 -3.57 -35.75 5.40
C ILE B 192 -3.29 -35.19 4.01
N MET B 193 -2.08 -34.69 3.75
CA MET B 193 -1.76 -34.29 2.39
C MET B 193 -1.78 -35.51 1.47
N ASP B 194 -2.12 -35.28 0.20
CA ASP B 194 -2.25 -36.38 -0.74
C ASP B 194 -0.91 -37.03 -1.03
N ALA B 195 0.09 -36.23 -1.39
CA ALA B 195 1.42 -36.74 -1.69
C ALA B 195 2.15 -37.11 -0.41
N ASP B 196 2.75 -38.30 -0.39
CA ASP B 196 3.44 -38.77 0.82
C ASP B 196 4.61 -37.86 1.22
N VAL B 197 5.32 -37.29 0.24
CA VAL B 197 6.44 -36.44 0.63
C VAL B 197 5.96 -35.15 1.29
N GLN B 198 4.70 -34.77 1.09
CA GLN B 198 4.17 -33.58 1.72
C GLN B 198 3.46 -33.85 3.03
N LYS B 199 3.29 -35.12 3.41
CA LYS B 199 2.79 -35.48 4.73
C LYS B 199 3.88 -35.29 5.78
N THR B 200 3.48 -34.86 6.97
CA THR B 200 4.39 -34.89 8.09
C THR B 200 4.35 -36.27 8.75
N ASN B 201 5.50 -36.69 9.28
CA ASN B 201 5.56 -37.92 10.08
C ASN B 201 5.63 -37.64 11.57
N LEU B 202 5.31 -36.42 11.97
CA LEU B 202 5.38 -36.00 13.36
C LEU B 202 3.99 -36.04 13.97
N PRO B 203 3.85 -36.57 15.17
CA PRO B 203 2.55 -36.53 15.84
C PRO B 203 2.23 -35.12 16.29
N ALA B 204 0.94 -34.87 16.44
CA ALA B 204 0.51 -33.61 17.05
C ALA B 204 1.24 -33.41 18.36
N GLY B 205 1.64 -32.17 18.62
CA GLY B 205 2.48 -31.91 19.77
C GLY B 205 2.63 -30.43 20.03
N VAL B 206 3.50 -30.09 20.97
CA VAL B 206 3.63 -28.70 21.41
C VAL B 206 5.02 -28.43 21.96
N VAL B 207 5.55 -27.25 21.63
CA VAL B 207 6.83 -26.77 22.13
C VAL B 207 6.62 -25.39 22.74
N ARG B 208 7.69 -24.80 23.28
CA ARG B 208 7.58 -23.63 24.15
C ARG B 208 8.68 -22.61 23.86
N ILE B 209 8.30 -21.34 23.93
CA ILE B 209 9.23 -20.21 23.93
C ILE B 209 9.09 -19.50 25.26
N LYS B 210 10.10 -19.59 26.11
CA LYS B 210 10.00 -18.90 27.39
C LYS B 210 9.82 -17.40 27.18
N ALA B 211 9.08 -16.78 28.10
CA ALA B 211 8.84 -15.36 28.06
C ALA B 211 10.14 -14.59 27.96
N GLY B 212 10.27 -13.75 26.93
CA GLY B 212 11.49 -12.98 26.73
C GLY B 212 12.58 -13.68 25.96
N ALA B 213 12.48 -15.00 25.76
CA ALA B 213 13.49 -15.69 24.97
C ALA B 213 13.26 -15.46 23.48
N THR B 214 14.31 -15.75 22.69
CA THR B 214 14.24 -15.67 21.23
C THR B 214 14.53 -17.01 20.59
N ASP B 215 14.24 -18.10 21.30
CA ASP B 215 14.36 -19.44 20.75
C ASP B 215 13.53 -20.38 21.59
N PHE B 216 13.21 -21.55 21.02
CA PHE B 216 12.53 -22.59 21.76
C PHE B 216 13.43 -23.14 22.85
N ASP B 217 12.83 -23.57 23.96
CA ASP B 217 13.59 -24.24 25.01
C ASP B 217 13.55 -25.75 24.75
N SER B 218 13.77 -26.58 25.76
CA SER B 218 13.78 -28.02 25.56
C SER B 218 12.41 -28.67 25.71
N TYR B 219 11.37 -27.88 26.01
CA TYR B 219 10.05 -28.45 26.24
C TYR B 219 9.52 -29.14 24.99
N TYR B 220 8.88 -30.30 25.19
CA TYR B 220 8.15 -30.98 24.13
C TYR B 220 7.13 -31.92 24.73
N CYS B 221 5.89 -31.87 24.25
CA CYS B 221 4.88 -32.83 24.65
C CYS B 221 4.25 -33.44 23.41
N ASN B 222 4.33 -34.76 23.31
CA ASN B 222 3.61 -35.52 22.28
C ASN B 222 2.16 -35.65 22.73
N LEU B 223 1.25 -34.95 22.04
CA LEU B 223 -0.15 -34.94 22.43
C LEU B 223 -0.88 -36.21 22.01
N GLU B 224 -0.49 -36.80 20.89
CA GLU B 224 -1.18 -38.01 20.44
C GLU B 224 -0.99 -39.15 21.44
N GLU B 225 0.15 -39.20 22.13
CA GLU B 225 0.34 -40.23 23.14
C GLU B 225 -0.64 -40.08 24.30
N LEU B 226 -1.05 -38.86 24.62
CA LEU B 226 -1.92 -38.61 25.75
C LEU B 226 -3.40 -38.63 25.40
N SER B 227 -3.75 -38.57 24.13
CA SER B 227 -5.13 -38.38 23.70
C SER B 227 -5.79 -39.62 23.12
N GLY B 228 -5.11 -40.76 23.13
CA GLY B 228 -5.63 -41.92 22.42
C GLY B 228 -5.36 -41.90 20.93
N GLY B 229 -4.26 -41.28 20.51
CA GLY B 229 -3.95 -41.17 19.11
C GLY B 229 -4.75 -40.15 18.35
N LYS B 230 -5.37 -39.19 19.03
CA LYS B 230 -6.21 -38.19 18.39
C LYS B 230 -5.51 -36.85 18.34
N SER B 231 -5.81 -36.09 17.27
CA SER B 231 -5.35 -34.73 17.11
C SER B 231 -6.51 -33.77 17.34
N PHE B 232 -6.36 -32.52 16.91
CA PHE B 232 -7.31 -31.48 17.29
C PHE B 232 -7.52 -30.53 16.12
N LEU B 233 -8.70 -29.91 16.09
CA LEU B 233 -9.00 -28.92 15.07
C LEU B 233 -8.29 -27.60 15.35
N ARG B 234 -8.37 -27.13 16.60
CA ARG B 234 -7.83 -25.84 17.00
C ARG B 234 -7.77 -25.84 18.52
N CYS B 235 -7.24 -24.75 19.09
CA CYS B 235 -7.05 -24.70 20.54
C CYS B 235 -6.99 -23.24 20.96
N TRP B 236 -7.08 -23.04 22.28
CA TRP B 236 -7.07 -21.71 22.87
C TRP B 236 -6.45 -21.79 24.26
N HIS B 237 -6.15 -20.62 24.82
CA HIS B 237 -5.71 -20.50 26.20
C HIS B 237 -6.91 -20.28 27.12
N ILE B 238 -6.88 -20.94 28.28
CA ILE B 238 -7.94 -20.70 29.27
C ILE B 238 -7.44 -19.77 30.38
N THR B 239 -6.45 -20.23 31.13
CA THR B 239 -5.91 -19.48 32.26
C THR B 239 -4.62 -20.18 32.67
N GLY B 240 -3.75 -19.44 33.36
CA GLY B 240 -2.50 -20.04 33.85
C GLY B 240 -1.74 -20.75 32.75
N ASP B 241 -1.46 -22.02 32.93
CA ASP B 241 -0.89 -22.86 31.87
C ASP B 241 -1.89 -23.88 31.36
N TYR B 242 -3.19 -23.62 31.53
CA TYR B 242 -4.23 -24.47 30.98
C TYR B 242 -4.66 -24.00 29.61
N PHE B 243 -4.82 -24.96 28.70
CA PHE B 243 -5.27 -24.71 27.34
C PHE B 243 -6.43 -25.63 27.01
N LEU B 244 -7.27 -25.21 26.08
CA LEU B 244 -8.45 -25.94 25.65
C LEU B 244 -8.26 -26.39 24.21
N LEU B 245 -8.46 -27.68 23.97
CA LEU B 245 -8.26 -28.29 22.67
C LEU B 245 -9.58 -28.88 22.18
N GLN B 246 -9.99 -28.54 20.96
CA GLN B 246 -11.17 -29.13 20.35
C GLN B 246 -10.70 -30.34 19.56
N MET B 247 -11.00 -31.52 20.09
CA MET B 247 -10.40 -32.77 19.64
C MET B 247 -11.22 -33.46 18.56
N TYR B 248 -10.53 -34.15 17.66
CA TYR B 248 -11.13 -35.06 16.71
C TYR B 248 -11.47 -36.38 17.40
N THR B 249 -12.65 -36.93 17.09
CA THR B 249 -12.97 -38.26 17.61
C THR B 249 -12.49 -39.37 16.67
N GLY B 250 -12.43 -39.09 15.37
CA GLY B 250 -11.84 -40.02 14.42
C GLY B 250 -10.47 -39.56 13.95
N GLU B 251 -10.32 -39.36 12.64
CA GLU B 251 -9.08 -38.87 12.08
C GLU B 251 -9.22 -37.40 11.70
N ILE B 252 -8.09 -36.70 11.68
CA ILE B 252 -8.09 -35.32 11.20
C ILE B 252 -8.48 -35.33 9.73
N ASN B 253 -9.23 -34.32 9.31
CA ASN B 253 -9.75 -34.30 7.94
C ASN B 253 -10.02 -32.86 7.54
N SER B 254 -10.10 -32.64 6.23
CA SER B 254 -10.20 -31.27 5.74
C SER B 254 -11.53 -30.64 6.13
N ARG B 255 -12.58 -31.43 6.35
CA ARG B 255 -13.90 -30.90 6.59
C ARG B 255 -14.19 -30.60 8.06
N GLY B 256 -13.31 -30.98 8.98
CA GLY B 256 -13.57 -30.73 10.39
C GLY B 256 -14.62 -31.64 10.99
N THR B 257 -14.93 -32.74 10.32
CA THR B 257 -15.90 -33.70 10.81
C THR B 257 -15.40 -34.38 12.08
N GLY B 258 -16.31 -34.59 13.03
CA GLY B 258 -15.96 -35.35 14.21
C GLY B 258 -15.13 -34.59 15.24
N ALA B 259 -15.01 -33.28 15.09
CA ALA B 259 -14.29 -32.45 16.07
C ALA B 259 -15.28 -32.01 17.16
N THR B 260 -15.72 -32.99 17.94
CA THR B 260 -16.88 -32.83 18.83
C THR B 260 -16.55 -33.10 20.30
N ARG B 261 -15.28 -33.08 20.67
CA ARG B 261 -14.85 -33.25 22.05
C ARG B 261 -13.95 -32.09 22.44
N MET B 262 -13.90 -31.82 23.73
CA MET B 262 -12.98 -30.85 24.31
C MET B 262 -12.05 -31.54 25.29
N ALA B 263 -10.78 -31.13 25.29
CA ALA B 263 -9.81 -31.61 26.26
C ALA B 263 -9.09 -30.41 26.84
N VAL B 264 -8.64 -30.57 28.08
CA VAL B 264 -7.90 -29.55 28.82
C VAL B 264 -6.45 -30.01 28.90
N PHE B 265 -5.53 -29.18 28.41
CA PHE B 265 -4.10 -29.45 28.46
C PHE B 265 -3.46 -28.54 29.51
N LYS B 266 -2.81 -29.14 30.52
CA LYS B 266 -2.03 -28.36 31.48
C LYS B 266 -0.57 -28.48 31.11
N ALA B 267 0.02 -27.38 30.63
CA ALA B 267 1.31 -27.46 29.95
C ALA B 267 2.42 -27.94 30.89
N THR B 268 2.51 -27.37 32.08
CA THR B 268 3.57 -27.78 33.01
C THR B 268 3.19 -28.98 33.86
N GLY B 269 2.04 -29.60 33.61
CA GLY B 269 1.63 -30.75 34.40
C GLY B 269 2.57 -31.94 34.23
N ASN B 270 2.45 -32.89 35.17
CA ASN B 270 3.23 -34.12 35.17
C ASN B 270 4.73 -33.84 35.08
N GLY B 271 5.21 -32.92 35.89
CA GLY B 271 6.63 -32.60 35.92
C GLY B 271 7.15 -31.95 34.65
N ASP B 272 6.41 -30.97 34.12
CA ASP B 272 6.75 -30.25 32.90
C ASP B 272 6.72 -31.15 31.67
N LYS B 273 5.95 -32.24 31.72
CA LYS B 273 5.82 -33.08 30.55
C LYS B 273 4.52 -32.89 29.80
N GLY B 274 3.57 -32.16 30.39
CA GLY B 274 2.25 -31.99 29.83
C GLY B 274 1.26 -33.00 30.38
N GLU B 275 0.02 -32.58 30.57
CA GLU B 275 -1.04 -33.46 31.05
C GLU B 275 -2.32 -33.10 30.31
N LEU B 276 -3.01 -34.11 29.76
CA LEU B 276 -4.22 -33.92 28.99
C LEU B 276 -5.36 -34.74 29.57
N TYR B 277 -6.50 -34.08 29.82
CA TYR B 277 -7.74 -34.73 30.28
C TYR B 277 -8.88 -34.30 29.38
N TYR B 278 -9.64 -35.27 28.88
CA TYR B 278 -10.88 -34.93 28.20
C TYR B 278 -11.89 -34.34 29.17
N VAL B 279 -12.66 -33.35 28.70
CA VAL B 279 -13.67 -32.71 29.54
C VAL B 279 -14.85 -33.65 29.74
N ASP B 280 -15.33 -33.73 30.98
CA ASP B 280 -16.52 -34.49 31.31
C ASP B 280 -17.67 -33.53 31.59
N GLY B 281 -18.88 -33.88 31.12
CA GLY B 281 -20.05 -33.08 31.36
C GLY B 281 -20.61 -32.38 30.14
N LEU B 282 -19.90 -32.40 29.02
CA LEU B 282 -20.45 -31.92 27.77
C LEU B 282 -21.36 -32.98 27.16
N PRO B 283 -22.24 -32.60 26.24
CA PRO B 283 -23.02 -33.59 25.50
C PRO B 283 -22.12 -34.61 24.83
N GLU B 284 -22.64 -35.83 24.68
CA GLU B 284 -21.89 -36.87 23.98
C GLU B 284 -21.57 -36.40 22.57
N PRO B 285 -20.46 -36.87 21.98
CA PRO B 285 -19.98 -36.27 20.73
C PRO B 285 -20.95 -36.36 19.56
N ASP B 286 -21.69 -37.46 19.40
CA ASP B 286 -22.65 -37.53 18.31
C ASP B 286 -23.84 -36.60 18.51
N ARG B 287 -23.97 -35.99 19.68
CA ARG B 287 -25.02 -35.02 19.95
C ARG B 287 -24.58 -33.58 19.64
N ILE B 288 -23.32 -33.34 19.33
CA ILE B 288 -22.83 -31.99 19.08
C ILE B 288 -22.72 -31.75 17.59
N SER B 289 -23.41 -30.72 17.10
CA SER B 289 -23.23 -30.29 15.71
C SER B 289 -21.95 -29.47 15.57
N SER B 290 -21.77 -28.48 16.43
CA SER B 290 -20.55 -27.68 16.40
C SER B 290 -20.38 -27.00 17.75
N PHE B 291 -19.17 -26.46 17.94
CA PHE B 291 -18.89 -25.51 19.00
C PHE B 291 -18.74 -24.12 18.40
N SER B 292 -18.99 -23.10 19.21
CA SER B 292 -18.64 -21.77 18.73
C SER B 292 -17.12 -21.66 18.62
N GLY B 293 -16.67 -20.68 17.82
CA GLY B 293 -15.27 -20.67 17.40
C GLY B 293 -14.30 -20.06 18.38
N THR B 294 -14.80 -19.26 19.32
CA THR B 294 -13.91 -18.60 20.27
C THR B 294 -14.48 -18.64 21.69
N PRO B 295 -13.88 -19.39 22.60
CA PRO B 295 -14.39 -19.42 23.98
C PRO B 295 -14.19 -18.08 24.67
N PHE B 296 -15.04 -17.82 25.65
CA PHE B 296 -14.91 -16.66 26.52
C PHE B 296 -14.35 -17.11 27.86
N CYS B 297 -13.25 -16.49 28.29
CA CYS B 297 -12.56 -16.93 29.50
C CYS B 297 -12.57 -15.84 30.56
N GLU B 298 -13.05 -16.19 31.75
CA GLU B 298 -13.02 -15.27 32.89
C GLU B 298 -13.10 -16.09 34.16
N ASN B 299 -12.54 -15.55 35.25
CA ASN B 299 -12.52 -16.21 36.56
C ASN B 299 -11.93 -17.62 36.49
N GLY B 300 -11.01 -17.85 35.56
CA GLY B 300 -10.32 -19.12 35.52
C GLY B 300 -11.07 -20.22 34.81
N VAL B 301 -12.21 -19.92 34.18
CA VAL B 301 -12.97 -20.95 33.46
C VAL B 301 -13.14 -20.52 32.00
N ALA B 302 -13.58 -21.47 31.18
CA ALA B 302 -13.83 -21.25 29.76
C ALA B 302 -15.30 -21.50 29.45
N TYR B 303 -15.96 -20.50 28.87
CA TYR B 303 -17.34 -20.60 28.45
C TYR B 303 -17.37 -20.89 26.95
N VAL B 304 -18.01 -21.97 26.55
CA VAL B 304 -18.06 -22.37 25.15
C VAL B 304 -19.51 -22.59 24.74
N GLY B 305 -19.87 -22.11 23.56
CA GLY B 305 -21.19 -22.35 23.03
C GLY B 305 -21.25 -23.73 22.40
N VAL B 306 -22.31 -24.48 22.69
CA VAL B 306 -22.47 -25.83 22.19
C VAL B 306 -23.77 -25.88 21.41
N ILE B 307 -23.68 -26.26 20.13
CA ILE B 307 -24.84 -26.31 19.26
C ILE B 307 -25.21 -27.78 19.07
N PRO B 308 -26.29 -28.25 19.67
CA PRO B 308 -26.67 -29.66 19.54
C PRO B 308 -27.20 -29.98 18.15
N ILE B 309 -27.11 -31.27 17.80
CA ILE B 309 -27.74 -31.76 16.59
C ILE B 309 -29.24 -31.80 16.77
N THR B 310 -29.98 -31.30 15.78
CA THR B 310 -31.45 -31.38 15.74
C THR B 310 -32.14 -31.09 17.07
N THR B 315 -36.83 -30.74 20.31
CA THR B 315 -36.37 -29.46 20.83
C THR B 315 -35.08 -29.58 21.66
N ASN B 316 -33.97 -29.10 21.09
CA ASN B 316 -32.72 -28.98 21.85
C ASN B 316 -32.04 -27.70 21.41
N HIS B 317 -32.03 -26.67 22.30
CA HIS B 317 -31.45 -25.39 21.94
C HIS B 317 -29.96 -25.36 22.24
N PRO B 318 -29.21 -24.53 21.51
CA PRO B 318 -27.83 -24.25 21.90
C PRO B 318 -27.75 -23.73 23.33
N ALA B 319 -26.59 -23.92 23.95
CA ALA B 319 -26.37 -23.51 25.32
C ALA B 319 -24.88 -23.24 25.52
N ILE B 320 -24.58 -22.42 26.52
CA ILE B 320 -23.22 -22.10 26.89
C ILE B 320 -22.82 -23.01 28.05
N TYR B 321 -21.73 -23.75 27.87
CA TYR B 321 -21.19 -24.62 28.91
C TYR B 321 -19.98 -23.96 29.54
N LYS B 322 -19.87 -24.11 30.86
CA LYS B 322 -18.73 -23.62 31.63
C LYS B 322 -17.78 -24.77 31.88
N ILE B 323 -16.56 -24.65 31.38
CA ILE B 323 -15.55 -25.69 31.50
C ILE B 323 -14.55 -25.26 32.57
N ASP B 324 -14.46 -26.05 33.66
CA ASP B 324 -13.48 -25.82 34.71
C ASP B 324 -12.22 -26.58 34.37
N PRO B 325 -11.10 -25.89 34.06
CA PRO B 325 -9.89 -26.62 33.65
C PRO B 325 -9.25 -27.38 34.80
N VAL B 326 -9.44 -26.93 36.05
CA VAL B 326 -8.79 -27.59 37.17
C VAL B 326 -9.32 -29.00 37.36
N THR B 327 -10.62 -29.21 37.12
CA THR B 327 -11.24 -30.52 37.29
C THR B 327 -11.70 -31.15 35.97
N HIS B 328 -11.43 -30.49 34.84
CA HIS B 328 -11.88 -30.90 33.50
C HIS B 328 -13.32 -31.38 33.51
N THR B 329 -14.18 -30.59 34.16
CA THR B 329 -15.61 -30.81 34.21
C THR B 329 -16.31 -29.62 33.60
N ALA B 330 -17.47 -29.87 33.01
CA ALA B 330 -18.29 -28.82 32.41
C ALA B 330 -19.71 -28.90 32.95
N THR B 331 -20.40 -27.76 32.96
CA THR B 331 -21.81 -27.74 33.33
C THR B 331 -22.58 -26.84 32.36
N LYS B 332 -23.84 -27.18 32.15
CA LYS B 332 -24.68 -26.42 31.25
C LYS B 332 -25.15 -25.15 31.93
N GLY B 333 -24.96 -24.02 31.26
CA GLY B 333 -25.39 -22.73 31.79
C GLY B 333 -26.53 -22.11 31.00
N LEU B 334 -26.30 -20.90 30.51
CA LEU B 334 -27.31 -20.16 29.75
C LEU B 334 -27.75 -20.92 28.50
N THR B 335 -29.06 -21.02 28.29
CA THR B 335 -29.63 -21.55 27.05
C THR B 335 -29.90 -20.39 26.09
N VAL B 336 -29.65 -20.62 24.80
CA VAL B 336 -29.84 -19.62 23.75
C VAL B 336 -30.92 -20.14 22.80
N ASN B 337 -32.10 -19.52 22.80
CA ASN B 337 -33.20 -19.94 21.93
C ASN B 337 -33.01 -19.37 20.52
N ALA B 338 -32.04 -19.94 19.81
CA ALA B 338 -31.71 -19.54 18.45
C ALA B 338 -31.09 -20.73 17.74
N THR B 339 -30.57 -20.50 16.53
CA THR B 339 -29.97 -21.59 15.76
C THR B 339 -28.58 -21.93 16.27
N GLY B 340 -27.78 -20.91 16.58
CA GLY B 340 -26.39 -21.13 16.92
C GLY B 340 -25.86 -19.95 17.68
N ILE B 341 -24.58 -20.06 18.05
CA ILE B 341 -23.87 -19.08 18.88
C ILE B 341 -22.54 -18.79 18.17
N THR B 342 -22.26 -17.51 17.94
CA THR B 342 -21.04 -17.14 17.21
C THR B 342 -20.13 -16.17 17.95
N ALA B 343 -20.46 -15.76 19.16
CA ALA B 343 -19.55 -14.98 20.00
C ALA B 343 -20.08 -14.96 21.43
N ILE B 344 -19.14 -14.87 22.38
CA ILE B 344 -19.45 -14.72 23.80
C ILE B 344 -18.44 -13.74 24.38
N GLY B 345 -18.93 -12.73 25.06
CA GLY B 345 -18.01 -11.80 25.70
C GLY B 345 -18.74 -10.82 26.57
N ARG B 346 -18.07 -9.71 26.85
CA ARG B 346 -18.61 -8.67 27.70
C ARG B 346 -18.42 -7.29 27.06
N LEU B 347 -19.39 -6.41 27.31
CA LEU B 347 -19.29 -5.00 26.94
C LEU B 347 -19.63 -4.14 28.14
N ALA B 348 -18.92 -3.02 28.27
CA ALA B 348 -19.02 -2.18 29.44
C ALA B 348 -18.86 -0.71 29.05
N LYS B 349 -19.51 0.16 29.82
CA LYS B 349 -19.42 1.60 29.60
C LYS B 349 -19.88 2.29 30.88
N ASP B 350 -19.00 3.12 31.46
CA ASP B 350 -19.28 3.85 32.69
C ASP B 350 -19.67 2.84 33.75
N SER B 351 -20.83 2.94 34.37
CA SER B 351 -21.25 1.99 35.41
C SER B 351 -22.00 0.79 34.85
N HIS B 352 -22.18 0.72 33.52
CA HIS B 352 -22.93 -0.36 32.89
C HIS B 352 -21.99 -1.44 32.37
N SER B 353 -22.39 -2.69 32.57
CA SER B 353 -21.70 -3.79 31.91
C SER B 353 -22.66 -4.97 31.79
N THR B 354 -22.37 -5.83 30.83
CA THR B 354 -23.24 -6.96 30.54
C THR B 354 -22.44 -7.98 29.74
N TYR B 355 -22.83 -9.25 29.85
CA TYR B 355 -22.41 -10.23 28.86
C TYR B 355 -23.18 -10.00 27.56
N VAL B 356 -22.52 -10.34 26.45
CA VAL B 356 -23.11 -10.25 25.12
C VAL B 356 -22.94 -11.60 24.45
N VAL B 357 -24.04 -12.18 23.97
CA VAL B 357 -24.00 -13.41 23.19
C VAL B 357 -24.51 -13.12 21.79
N SER B 358 -23.77 -13.56 20.79
CA SER B 358 -24.12 -13.37 19.39
C SER B 358 -24.79 -14.65 18.91
N ALA B 359 -26.04 -14.54 18.47
CA ALA B 359 -26.89 -15.70 18.17
C ALA B 359 -27.32 -15.67 16.72
N THR B 360 -27.14 -16.78 16.02
CA THR B 360 -27.56 -16.88 14.65
C THR B 360 -28.99 -17.43 14.59
N VAL B 361 -29.82 -16.84 13.73
CA VAL B 361 -31.18 -17.30 13.53
C VAL B 361 -31.30 -17.65 12.05
N THR B 362 -31.34 -18.94 11.76
CA THR B 362 -31.38 -19.43 10.39
C THR B 362 -32.77 -19.99 10.12
N SER B 363 -33.49 -19.36 9.20
CA SER B 363 -34.80 -19.84 8.82
C SER B 363 -34.69 -20.60 7.50
N ALA B 364 -35.84 -20.99 6.93
CA ALA B 364 -35.84 -21.65 5.64
C ALA B 364 -35.29 -20.77 4.53
N ASN B 365 -35.36 -19.45 4.67
CA ASN B 365 -35.10 -18.54 3.57
C ASN B 365 -34.18 -17.37 3.95
N SER B 366 -33.53 -17.41 5.10
CA SER B 366 -32.68 -16.30 5.52
C SER B 366 -31.81 -16.73 6.68
N THR B 367 -30.77 -15.93 6.94
CA THR B 367 -29.95 -16.06 8.14
C THR B 367 -29.82 -14.68 8.77
N ALA B 368 -30.08 -14.60 10.06
CA ALA B 368 -29.93 -13.36 10.80
C ALA B 368 -28.96 -13.55 11.95
N ASN B 369 -28.50 -12.44 12.50
CA ASN B 369 -27.64 -12.47 13.68
C ASN B 369 -28.16 -11.46 14.68
N TYR B 370 -28.22 -11.87 15.95
CA TYR B 370 -28.68 -11.00 17.02
C TYR B 370 -27.63 -10.97 18.11
N LEU B 371 -27.27 -9.76 18.53
CA LEU B 371 -26.47 -9.58 19.74
C LEU B 371 -27.43 -9.49 20.92
N LEU B 372 -27.25 -10.37 21.90
CA LEU B 372 -28.17 -10.45 23.03
C LEU B 372 -27.42 -10.14 24.33
N ALA B 373 -27.98 -9.22 25.12
CA ALA B 373 -27.42 -8.92 26.44
C ALA B 373 -27.97 -9.88 27.49
N THR B 374 -27.10 -10.31 28.40
CA THR B 374 -27.52 -11.12 29.53
C THR B 374 -26.63 -10.81 30.73
N SER B 375 -27.21 -10.91 31.92
CA SER B 375 -26.43 -10.62 33.12
C SER B 375 -25.70 -11.84 33.65
N THR B 376 -25.88 -13.01 33.06
CA THR B 376 -25.19 -14.20 33.54
C THR B 376 -25.07 -15.20 32.40
N LEU B 377 -23.98 -15.96 32.42
CA LEU B 377 -23.80 -17.09 31.52
C LEU B 377 -24.12 -18.42 32.19
N GLU B 378 -24.52 -18.39 33.45
CA GLU B 378 -24.52 -19.60 34.26
C GLU B 378 -25.92 -20.18 34.49
N SER B 379 -26.97 -19.48 34.05
CA SER B 379 -28.33 -20.00 34.16
C SER B 379 -29.23 -19.18 33.26
N GLY B 380 -30.49 -19.60 33.17
CA GLY B 380 -31.48 -18.81 32.45
C GLY B 380 -31.44 -19.03 30.96
N SER B 381 -32.06 -18.09 30.25
CA SER B 381 -32.10 -18.18 28.79
C SER B 381 -32.04 -16.77 28.21
N VAL B 382 -31.65 -16.71 26.93
CA VAL B 382 -31.80 -15.50 26.12
C VAL B 382 -32.56 -15.87 24.86
N THR B 383 -33.35 -14.89 24.37
CA THR B 383 -34.22 -15.07 23.21
C THR B 383 -34.16 -13.79 22.38
N PRO B 384 -33.83 -13.88 21.10
CA PRO B 384 -33.97 -12.71 20.22
C PRO B 384 -35.36 -12.12 20.34
N GLY B 385 -35.42 -10.82 20.65
CA GLY B 385 -36.68 -10.11 20.76
C GLY B 385 -37.21 -10.00 22.17
N ASN B 386 -36.46 -10.47 23.16
CA ASN B 386 -36.87 -10.48 24.58
C ASN B 386 -35.90 -9.58 25.33
N ASN B 387 -36.13 -8.27 25.23
CA ASN B 387 -35.29 -7.23 25.83
C ASN B 387 -33.89 -7.20 25.21
N ASN B 388 -33.14 -6.13 25.52
CA ASN B 388 -31.96 -5.66 24.80
C ASN B 388 -31.36 -6.69 23.85
N GLY B 389 -31.78 -6.62 22.58
CA GLY B 389 -31.09 -7.29 21.51
C GLY B 389 -30.80 -6.30 20.39
N PHE B 390 -29.90 -6.70 19.50
CA PHE B 390 -29.50 -5.82 18.41
C PHE B 390 -29.23 -6.68 17.19
N GLU B 391 -29.89 -6.37 16.08
CA GLU B 391 -29.78 -7.20 14.89
C GLU B 391 -28.59 -6.75 14.03
N THR B 392 -27.83 -7.72 13.53
CA THR B 392 -26.72 -7.45 12.64
C THR B 392 -26.75 -8.45 11.50
N ALA B 393 -25.96 -8.18 10.47
CA ALA B 393 -25.68 -9.21 9.49
C ALA B 393 -24.80 -10.28 10.13
N THR B 394 -24.87 -11.48 9.59
CA THR B 394 -23.91 -12.50 9.99
C THR B 394 -22.49 -12.04 9.65
N GLY B 395 -21.51 -12.62 10.33
CA GLY B 395 -20.13 -12.31 10.08
C GLY B 395 -19.28 -13.57 10.11
N THR B 396 -18.13 -13.51 9.44
CA THR B 396 -17.25 -14.67 9.39
C THR B 396 -16.49 -14.87 10.69
N ALA B 397 -16.15 -13.78 11.38
CA ALA B 397 -15.42 -13.85 12.63
C ALA B 397 -15.87 -12.71 13.52
N TRP B 398 -15.89 -12.98 14.82
CA TRP B 398 -16.19 -12.01 15.87
C TRP B 398 -15.03 -11.94 16.84
N ILE B 399 -14.69 -10.73 17.27
CA ILE B 399 -13.62 -10.58 18.24
C ILE B 399 -13.98 -9.45 19.20
N PHE B 400 -13.91 -9.74 20.49
CA PHE B 400 -14.06 -8.71 21.50
C PHE B 400 -12.71 -8.03 21.74
N TYR B 401 -12.75 -6.71 21.83
CA TYR B 401 -11.61 -5.93 22.29
C TYR B 401 -11.85 -5.62 23.76
N LYS B 402 -11.09 -6.27 24.64
CA LYS B 402 -11.24 -6.19 26.09
C LYS B 402 -12.73 -6.37 26.40
N ASP B 403 -13.34 -5.50 27.19
CA ASP B 403 -14.79 -5.44 27.34
C ASP B 403 -15.35 -4.14 26.79
N GLN B 404 -14.66 -3.57 25.81
CA GLN B 404 -15.01 -2.27 25.27
C GLN B 404 -15.76 -2.35 23.95
N TYR B 405 -15.31 -3.22 23.03
CA TYR B 405 -15.87 -3.25 21.69
C TYR B 405 -16.02 -4.69 21.22
N LEU B 406 -16.97 -4.88 20.32
CA LEU B 406 -17.18 -6.15 19.64
C LEU B 406 -17.06 -5.89 18.14
N TYR B 407 -16.10 -6.56 17.50
CA TYR B 407 -15.88 -6.38 16.08
C TYR B 407 -16.41 -7.56 15.28
N ARG B 408 -17.17 -7.26 14.25
CA ARG B 408 -17.73 -8.24 13.31
C ARG B 408 -16.94 -8.11 12.01
N LEU B 409 -16.08 -9.09 11.72
CA LEU B 409 -15.30 -9.14 10.49
C LEU B 409 -15.96 -10.09 9.50
N GLN B 410 -16.15 -9.65 8.25
CA GLN B 410 -16.92 -10.40 7.26
C GLN B 410 -16.03 -10.82 6.08
N TYR B 411 -15.90 -12.13 5.85
CA TYR B 411 -15.07 -12.70 4.79
C TYR B 411 -15.90 -13.06 3.56
N ASN B 412 -15.38 -12.72 2.38
CA ASN B 412 -16.11 -12.91 1.13
C ASN B 412 -15.20 -13.49 0.04
N GLN B 413 -14.66 -14.68 0.32
CA GLN B 413 -13.89 -15.45 -0.65
C GLN B 413 -12.76 -14.61 -1.24
N GLY B 414 -12.95 -14.09 -2.44
CA GLY B 414 -11.90 -13.34 -3.11
C GLY B 414 -12.05 -11.83 -3.13
N ASN B 415 -13.01 -11.26 -2.39
CA ASN B 415 -13.30 -9.83 -2.58
C ASN B 415 -13.58 -9.06 -1.28
N GLU B 416 -14.86 -8.88 -0.93
CA GLU B 416 -15.29 -7.81 -0.02
C GLU B 416 -15.27 -8.28 1.43
N GLY B 417 -14.15 -8.06 2.10
CA GLY B 417 -14.16 -8.09 3.56
C GLY B 417 -14.89 -6.86 4.05
N VAL B 418 -15.94 -7.05 4.85
CA VAL B 418 -16.64 -5.91 5.44
C VAL B 418 -16.54 -6.07 6.95
N THR B 419 -16.78 -4.97 7.67
CA THR B 419 -16.54 -4.97 9.11
C THR B 419 -17.33 -3.87 9.80
N THR B 420 -18.10 -4.25 10.81
CA THR B 420 -18.77 -3.33 11.71
C THR B 420 -18.30 -3.58 13.15
N ALA B 421 -18.63 -2.63 14.02
CA ALA B 421 -18.21 -2.72 15.42
C ALA B 421 -19.35 -2.23 16.31
N TYR B 422 -19.32 -2.69 17.58
CA TYR B 422 -20.39 -2.41 18.53
C TYR B 422 -19.80 -2.09 19.89
N GLU B 423 -20.59 -1.38 20.69
CA GLU B 423 -20.19 -0.97 22.02
C GLU B 423 -21.45 -0.83 22.87
N LEU B 424 -21.25 -0.53 24.16
CA LEU B 424 -22.36 -0.12 25.02
C LEU B 424 -22.47 1.39 25.01
N ASN B 425 -23.69 1.91 24.95
CA ASN B 425 -23.90 3.34 25.05
C ASN B 425 -23.98 3.75 26.53
N THR B 426 -24.16 5.06 26.76
CA THR B 426 -24.13 5.57 28.13
C THR B 426 -25.31 5.07 28.97
N ASN B 427 -26.34 4.50 28.33
CA ASN B 427 -27.48 3.91 29.02
C ASN B 427 -27.30 2.43 29.30
N GLY B 428 -26.26 1.80 28.73
CA GLY B 428 -26.06 0.38 28.90
C GLY B 428 -26.64 -0.49 27.82
N GLY B 429 -27.07 0.10 26.70
CA GLY B 429 -27.59 -0.66 25.57
C GLY B 429 -26.52 -0.88 24.52
N ILE B 430 -26.68 -1.98 23.77
CA ILE B 430 -25.78 -2.28 22.66
C ILE B 430 -26.03 -1.27 21.54
N ALA B 431 -24.95 -0.78 20.94
CA ALA B 431 -25.05 0.18 19.87
C ALA B 431 -23.95 -0.08 18.83
N LYS B 432 -24.22 0.33 17.60
CA LYS B 432 -23.24 0.22 16.53
C LYS B 432 -22.33 1.42 16.56
N ARG B 433 -21.02 1.19 16.53
CA ARG B 433 -20.08 2.30 16.44
C ARG B 433 -20.29 3.07 15.14
N SER B 434 -19.81 4.31 15.11
CA SER B 434 -20.14 5.20 13.99
C SER B 434 -19.44 4.79 12.71
N ASN B 435 -18.27 4.15 12.78
CA ASN B 435 -17.50 3.83 11.59
C ASN B 435 -17.56 2.33 11.27
N GLU B 436 -17.72 2.03 9.99
CA GLU B 436 -17.60 0.70 9.45
C GLU B 436 -16.58 0.73 8.32
N TYR B 437 -16.12 -0.45 7.90
CA TYR B 437 -14.92 -0.54 7.09
C TYR B 437 -15.08 -1.64 6.04
N THR B 438 -14.49 -1.43 4.87
CA THR B 438 -14.39 -2.45 3.84
C THR B 438 -12.93 -2.88 3.78
N ILE B 439 -12.65 -4.15 4.09
CA ILE B 439 -11.28 -4.60 4.30
C ILE B 439 -10.90 -5.68 3.30
N THR B 440 -9.58 -5.87 3.17
CA THR B 440 -9.03 -6.97 2.40
C THR B 440 -9.55 -8.31 2.92
N ARG B 441 -9.68 -9.28 2.02
CA ARG B 441 -9.91 -10.67 2.42
C ARG B 441 -8.85 -11.12 3.41
N PHE B 442 -9.26 -11.86 4.42
CA PHE B 442 -8.33 -12.23 5.50
C PHE B 442 -8.44 -13.72 5.83
N THR B 443 -7.31 -14.29 6.22
CA THR B 443 -7.28 -15.66 6.71
C THR B 443 -6.78 -15.76 8.15
N THR B 444 -6.43 -14.65 8.79
CA THR B 444 -6.18 -14.66 10.22
C THR B 444 -6.38 -13.25 10.76
N TYR B 445 -6.50 -13.16 12.08
CA TYR B 445 -6.69 -11.88 12.76
C TYR B 445 -6.28 -12.02 14.22
N GLY B 446 -6.10 -10.88 14.87
CA GLY B 446 -5.77 -10.83 16.27
C GLY B 446 -5.70 -9.40 16.71
N ILE B 447 -5.20 -9.18 17.92
CA ILE B 447 -5.12 -7.84 18.50
C ILE B 447 -3.69 -7.58 18.96
N PHE B 448 -3.22 -6.35 18.77
CA PHE B 448 -2.01 -5.87 19.43
C PHE B 448 -2.20 -4.40 19.77
N GLY B 449 -1.97 -4.06 21.03
CA GLY B 449 -2.15 -2.67 21.44
C GLY B 449 -3.56 -2.18 21.15
N GLU B 450 -3.65 -1.07 20.43
CA GLU B 450 -4.93 -0.46 20.10
C GLU B 450 -5.43 -0.83 18.71
N ASN B 451 -4.88 -1.87 18.10
CA ASN B 451 -5.25 -2.26 16.75
C ASN B 451 -5.83 -3.66 16.71
N ILE B 452 -6.91 -3.81 15.96
CA ILE B 452 -7.31 -5.10 15.45
C ILE B 452 -6.58 -5.30 14.13
N ILE B 453 -6.00 -6.48 13.93
CA ILE B 453 -5.09 -6.72 12.82
C ILE B 453 -5.60 -7.94 12.06
N SER B 454 -5.66 -7.83 10.73
CA SER B 454 -6.04 -8.96 9.90
C SER B 454 -5.03 -9.12 8.77
N SER B 455 -4.90 -10.36 8.28
CA SER B 455 -3.82 -10.65 7.36
C SER B 455 -4.25 -11.73 6.37
N SER B 456 -3.57 -11.78 5.23
CA SER B 456 -3.71 -12.86 4.27
C SER B 456 -2.50 -12.87 3.36
N ALA B 457 -2.31 -13.97 2.65
CA ALA B 457 -1.32 -14.04 1.59
C ALA B 457 -1.98 -13.56 0.31
N VAL B 458 -1.33 -12.65 -0.41
CA VAL B 458 -1.93 -12.01 -1.57
C VAL B 458 -0.94 -12.02 -2.73
N ASP B 459 -1.47 -11.84 -3.95
CA ASP B 459 -0.63 -11.50 -5.09
C ASP B 459 -0.30 -10.01 -5.04
N ALA B 460 0.96 -9.68 -5.29
CA ALA B 460 1.39 -8.30 -5.32
C ALA B 460 2.55 -8.18 -6.27
N THR B 461 2.79 -6.95 -6.73
CA THR B 461 3.93 -6.65 -7.58
C THR B 461 5.01 -5.98 -6.74
N PHE B 462 6.25 -6.42 -6.93
CA PHE B 462 7.42 -5.86 -6.25
C PHE B 462 8.49 -5.49 -7.28
N THR B 463 9.29 -4.49 -6.94
CA THR B 463 10.47 -4.11 -7.70
C THR B 463 11.67 -4.88 -7.15
N ASP B 464 12.32 -5.68 -8.01
CA ASP B 464 13.40 -6.60 -7.58
C ASP B 464 12.94 -7.55 -6.46
#